data_2PA4
#
_entry.id   2PA4
#
_cell.length_a   173.400
_cell.length_b   47.600
_cell.length_c   161.500
_cell.angle_alpha   90.00
_cell.angle_beta   102.70
_cell.angle_gamma   90.00
#
_symmetry.space_group_name_H-M   'C 1 2 1'
#
loop_
_entity.id
_entity.type
_entity.pdbx_description
1 polymer 'UTP-GLUCOSE-1-PHOSPHATE URIDYLYLTRANSFERASE'
2 non-polymer 'MAGNESIUM ION'
3 non-polymer "URIDINE-5'-DIPHOSPHATE-GLUCOSE"
4 water water
#
_entity_poly.entity_id   1
_entity_poly.type   'polypeptide(L)'
_entity_poly.pdbx_seq_one_letter_code
;MSLPIDEHVNAVKTVVVPAAGLGTRFLPATKTVPKELLPVVDTPGIELIAAEAAELGATRLAIITAPNKAGVLAHFERSS
ELEETLMERGKTDQVEIIRRAADLIKAVPVTQDKPLGLGHAVGLAESVLDDDEDVVAVMLPDDLVLPTGVMERMAQVRAE
FGGSVLCAVEVSEADVSKYGIFEIEADTKDSDVKKVKGMVEKPAIEDAPSRLAATGRYLLDRKIFDALRRITPGAGGELQ
LTDAIDLLIDEGHPVHIVIHQGKRHDLGNPGGYIPACVDFGLSHPVYGAQLKDAIKQILAEHEAAERIADDSQVKLEHHH
HHH
;
_entity_poly.pdbx_strand_id   A,B,C,D
#
# COMPACT_ATOMS: atom_id res chain seq x y z
N VAL A 12 -11.78 -32.40 4.62
CA VAL A 12 -11.83 -30.95 4.60
C VAL A 12 -10.89 -30.36 3.56
N LYS A 13 -11.40 -29.54 2.63
CA LYS A 13 -10.57 -28.91 1.60
C LYS A 13 -10.29 -27.43 1.88
N THR A 14 -11.33 -26.69 2.25
CA THR A 14 -11.25 -25.28 2.59
C THR A 14 -11.62 -24.93 4.03
N VAL A 15 -10.75 -24.22 4.73
CA VAL A 15 -11.03 -23.78 6.09
C VAL A 15 -11.29 -22.28 5.98
N VAL A 16 -12.38 -21.78 6.54
CA VAL A 16 -12.70 -20.37 6.49
C VAL A 16 -12.06 -19.69 7.69
N VAL A 17 -11.31 -18.62 7.48
CA VAL A 17 -10.68 -17.95 8.60
C VAL A 17 -11.03 -16.48 8.67
N PRO A 18 -12.00 -16.08 9.48
CA PRO A 18 -12.38 -14.68 9.59
C PRO A 18 -11.32 -13.82 10.28
N ALA A 19 -10.69 -12.92 9.53
CA ALA A 19 -9.65 -12.04 10.03
C ALA A 19 -9.87 -10.58 9.63
N ALA A 20 -11.14 -10.21 9.44
CA ALA A 20 -11.50 -8.88 9.00
C ALA A 20 -11.96 -7.91 10.06
N GLY A 21 -11.80 -8.30 11.31
CA GLY A 21 -12.22 -7.50 12.46
C GLY A 21 -11.36 -6.28 12.74
N LEU A 22 -11.83 -5.39 13.63
CA LEU A 22 -11.11 -4.17 13.99
C LEU A 22 -10.02 -4.36 15.03
N GLY A 23 -10.18 -5.41 15.83
CA GLY A 23 -9.27 -5.75 16.91
C GLY A 23 -9.18 -4.62 17.92
N THR A 24 -10.33 -4.03 18.25
CA THR A 24 -10.42 -2.91 19.19
C THR A 24 -9.73 -3.04 20.53
N ARG A 25 -9.65 -4.27 21.01
CA ARG A 25 -9.09 -4.58 22.30
C ARG A 25 -7.60 -4.37 22.37
N PHE A 26 -6.97 -4.31 21.19
CA PHE A 26 -5.54 -4.11 21.10
C PHE A 26 -5.18 -2.73 20.56
N LEU A 27 -6.12 -1.80 20.56
CA LEU A 27 -5.84 -0.46 20.04
C LEU A 27 -5.09 0.30 21.09
N PRO A 28 -4.21 1.26 20.73
CA PRO A 28 -3.95 1.72 19.39
C PRO A 28 -3.10 0.88 18.45
N ALA A 29 -2.44 -0.13 18.98
CA ALA A 29 -1.59 -0.99 18.17
C ALA A 29 -2.20 -1.53 16.90
N THR A 30 -3.43 -2.01 17.01
CA THR A 30 -4.13 -2.59 15.88
C THR A 30 -4.63 -1.56 14.87
N LYS A 31 -4.24 -0.28 15.05
CA LYS A 31 -4.62 0.77 14.10
C LYS A 31 -4.10 0.33 12.72
N THR A 32 -2.85 -0.18 12.69
CA THR A 32 -2.26 -0.67 11.46
C THR A 32 -1.90 -2.13 11.54
N VAL A 33 -1.75 -2.71 12.73
CA VAL A 33 -1.36 -4.12 12.86
C VAL A 33 -2.54 -5.08 13.00
N PRO A 34 -2.70 -6.08 12.13
CA PRO A 34 -3.80 -6.99 12.36
C PRO A 34 -3.59 -7.79 13.65
N LYS A 35 -4.60 -7.91 14.51
CA LYS A 35 -4.43 -8.70 15.74
C LYS A 35 -4.08 -10.14 15.42
N GLU A 36 -4.46 -10.60 14.25
CA GLU A 36 -4.22 -11.96 13.82
C GLU A 36 -2.78 -12.24 13.48
N LEU A 37 -1.97 -11.16 13.43
CA LEU A 37 -0.57 -11.22 13.09
C LEU A 37 0.38 -11.06 14.30
N LEU A 38 -0.19 -10.83 15.49
CA LEU A 38 0.60 -10.69 16.71
C LEU A 38 1.30 -12.00 17.01
N PRO A 39 2.59 -11.92 17.32
CA PRO A 39 3.38 -13.10 17.61
C PRO A 39 3.09 -13.68 18.95
N VAL A 40 2.95 -15.00 18.93
CA VAL A 40 2.78 -15.77 20.13
C VAL A 40 4.23 -16.17 20.28
N VAL A 41 4.99 -15.29 20.94
CA VAL A 41 6.43 -15.44 21.04
C VAL A 41 6.93 -14.84 19.70
N ASP A 42 6.84 -15.60 18.59
CA ASP A 42 7.26 -15.11 17.27
C ASP A 42 6.36 -15.56 16.13
N THR A 43 5.35 -16.38 16.42
CA THR A 43 4.41 -16.90 15.42
C THR A 43 3.00 -16.37 15.56
N PRO A 44 2.46 -15.76 14.50
CA PRO A 44 1.12 -15.19 14.56
C PRO A 44 0.03 -16.25 14.65
N GLY A 45 -1.09 -15.91 15.32
CA GLY A 45 -2.19 -16.83 15.44
C GLY A 45 -2.66 -17.36 14.10
N ILE A 46 -2.69 -16.50 13.08
CA ILE A 46 -3.14 -16.98 11.79
C ILE A 46 -2.29 -18.10 11.20
N GLU A 47 -1.00 -18.08 11.51
CA GLU A 47 -0.08 -19.11 11.04
C GLU A 47 -0.30 -20.42 11.83
N LEU A 48 -0.62 -20.31 13.10
CA LEU A 48 -0.87 -21.49 13.93
C LEU A 48 -2.16 -22.10 13.43
N ILE A 49 -3.13 -21.26 13.09
CA ILE A 49 -4.37 -21.77 12.57
C ILE A 49 -4.15 -22.41 11.21
N ALA A 50 -3.29 -21.85 10.36
CA ALA A 50 -3.01 -22.43 9.06
C ALA A 50 -2.37 -23.81 9.21
N ALA A 51 -1.46 -23.95 10.16
CA ALA A 51 -0.81 -25.23 10.41
C ALA A 51 -1.84 -26.22 10.90
N GLU A 52 -2.81 -25.75 11.68
CA GLU A 52 -3.86 -26.64 12.19
C GLU A 52 -4.77 -27.15 11.06
N ALA A 53 -5.08 -26.25 10.13
CA ALA A 53 -5.91 -26.60 8.98
C ALA A 53 -5.23 -27.61 8.08
N ALA A 54 -3.94 -27.40 7.83
CA ALA A 54 -3.14 -28.30 7.01
C ALA A 54 -3.15 -29.72 7.57
N GLU A 55 -2.92 -29.85 8.89
CA GLU A 55 -2.88 -31.07 9.72
C GLU A 55 -4.18 -31.85 9.51
N LEU A 56 -5.28 -31.13 9.25
CA LEU A 56 -6.57 -31.73 9.03
C LEU A 56 -6.75 -32.05 7.55
N GLY A 57 -5.78 -31.63 6.75
CA GLY A 57 -5.86 -31.94 5.32
C GLY A 57 -6.46 -30.90 4.40
N ALA A 58 -6.72 -29.70 4.91
CA ALA A 58 -7.26 -28.63 4.08
C ALA A 58 -6.23 -28.07 3.13
N THR A 59 -6.60 -27.78 1.89
CA THR A 59 -5.63 -27.27 0.94
C THR A 59 -5.75 -25.77 0.69
N ARG A 60 -6.86 -25.22 1.14
CA ARG A 60 -7.15 -23.80 0.98
C ARG A 60 -7.57 -23.22 2.31
N LEU A 61 -7.23 -21.95 2.45
CA LEU A 61 -7.65 -21.16 3.58
C LEU A 61 -8.39 -20.01 2.91
N ALA A 62 -9.65 -19.80 3.26
CA ALA A 62 -10.43 -18.71 2.74
C ALA A 62 -10.40 -17.68 3.85
N ILE A 63 -9.54 -16.70 3.71
CA ILE A 63 -9.34 -15.68 4.70
C ILE A 63 -10.21 -14.50 4.46
N ILE A 64 -11.08 -14.23 5.43
CA ILE A 64 -11.92 -13.06 5.30
C ILE A 64 -11.07 -11.90 5.75
N THR A 65 -10.75 -11.01 4.83
CA THR A 65 -9.91 -9.89 5.15
C THR A 65 -10.53 -8.51 4.90
N ALA A 66 -9.92 -7.49 5.49
CA ALA A 66 -10.42 -6.13 5.36
C ALA A 66 -9.49 -5.30 4.47
N PRO A 67 -9.98 -4.24 3.84
CA PRO A 67 -9.14 -3.41 2.98
C PRO A 67 -7.92 -2.81 3.67
N ASN A 68 -8.02 -2.50 4.96
CA ASN A 68 -6.91 -1.90 5.69
C ASN A 68 -6.00 -2.93 6.38
N LYS A 69 -6.16 -4.22 6.06
CA LYS A 69 -5.35 -5.30 6.62
C LYS A 69 -4.64 -6.13 5.55
N ALA A 70 -3.91 -5.47 4.67
CA ALA A 70 -3.21 -6.15 3.59
C ALA A 70 -2.21 -7.18 4.05
N GLY A 71 -1.68 -6.98 5.23
CA GLY A 71 -0.68 -7.89 5.73
C GLY A 71 -1.13 -9.31 5.99
N VAL A 72 -2.41 -9.46 6.23
CA VAL A 72 -2.92 -10.78 6.52
C VAL A 72 -2.64 -11.74 5.37
N LEU A 73 -3.00 -11.29 4.18
CA LEU A 73 -2.79 -12.06 2.97
C LEU A 73 -1.30 -12.03 2.63
N ALA A 74 -0.64 -10.88 2.74
CA ALA A 74 0.77 -10.80 2.44
C ALA A 74 1.58 -11.82 3.22
N HIS A 75 1.12 -12.13 4.43
CA HIS A 75 1.83 -13.09 5.25
C HIS A 75 1.96 -14.46 4.59
N PHE A 76 1.03 -14.77 3.70
CA PHE A 76 1.00 -16.05 3.02
C PHE A 76 1.54 -16.00 1.60
N GLU A 77 2.20 -14.91 1.25
CA GLU A 77 2.80 -14.73 -0.06
C GLU A 77 4.32 -14.62 0.11
N ARG A 78 5.06 -14.87 -0.95
CA ARG A 78 6.51 -14.79 -0.94
C ARG A 78 6.96 -13.32 -0.96
N SER A 79 7.85 -12.99 -0.04
CA SER A 79 8.40 -11.66 0.11
C SER A 79 9.75 -11.62 -0.59
N SER A 80 9.73 -11.47 -1.92
CA SER A 80 10.94 -11.46 -2.72
C SER A 80 12.00 -10.47 -2.22
N GLU A 81 11.53 -9.26 -1.90
CA GLU A 81 12.36 -8.18 -1.37
C GLU A 81 13.00 -8.55 -0.02
N LEU A 82 12.23 -9.13 0.91
CA LEU A 82 12.76 -9.50 2.23
C LEU A 82 13.64 -10.73 2.19
N GLU A 83 13.29 -11.70 1.35
CA GLU A 83 14.07 -12.93 1.22
C GLU A 83 15.44 -12.58 0.66
N GLU A 84 15.47 -11.68 -0.32
CA GLU A 84 16.72 -11.27 -0.94
C GLU A 84 17.59 -10.61 0.13
N THR A 85 17.02 -9.62 0.83
CA THR A 85 17.72 -8.88 1.89
C THR A 85 18.33 -9.77 2.96
N LEU A 86 17.69 -10.92 3.21
CA LEU A 86 18.14 -11.89 4.20
C LEU A 86 19.20 -12.83 3.59
N MET A 87 19.19 -12.96 2.26
CA MET A 87 20.14 -13.83 1.62
C MET A 87 21.49 -13.15 1.59
N GLU A 88 21.40 -11.82 1.51
CA GLU A 88 22.52 -10.93 1.48
C GLU A 88 23.31 -11.06 2.77
N ARG A 89 22.59 -11.15 3.91
CA ARG A 89 23.18 -11.30 5.24
C ARG A 89 23.33 -12.79 5.58
N GLY A 90 23.12 -13.65 4.56
CA GLY A 90 23.24 -15.10 4.71
C GLY A 90 22.49 -15.58 5.94
N LYS A 91 21.16 -15.59 5.86
CA LYS A 91 20.32 -16.05 6.96
C LYS A 91 19.33 -17.06 6.43
N THR A 92 19.87 -18.18 5.96
CA THR A 92 19.18 -19.28 5.32
C THR A 92 18.01 -19.89 6.06
N ASP A 93 18.07 -19.80 7.36
CA ASP A 93 17.02 -20.37 8.20
C ASP A 93 15.80 -19.50 8.15
N GLN A 94 16.10 -18.22 8.29
CA GLN A 94 15.09 -17.18 8.27
C GLN A 94 14.28 -17.21 6.99
N VAL A 95 14.94 -17.41 5.87
CA VAL A 95 14.20 -17.47 4.62
C VAL A 95 13.14 -18.55 4.73
N GLU A 96 13.49 -19.73 5.24
CA GLU A 96 12.52 -20.82 5.40
C GLU A 96 11.45 -20.43 6.43
N ILE A 97 11.85 -19.70 7.47
CA ILE A 97 10.91 -19.25 8.50
C ILE A 97 9.80 -18.43 7.82
N ILE A 98 10.16 -17.45 6.98
CA ILE A 98 9.19 -16.62 6.27
C ILE A 98 8.52 -17.30 5.10
N ARG A 99 8.85 -18.56 4.86
CA ARG A 99 8.23 -19.29 3.76
C ARG A 99 7.23 -20.33 4.28
N ARG A 100 7.38 -20.68 5.55
CA ARG A 100 6.53 -21.68 6.18
C ARG A 100 5.05 -21.54 5.89
N ALA A 101 4.49 -20.42 6.32
CA ALA A 101 3.08 -20.14 6.13
C ALA A 101 2.59 -20.36 4.69
N ALA A 102 3.24 -19.67 3.76
CA ALA A 102 2.94 -19.72 2.33
C ALA A 102 2.99 -21.13 1.75
N ASP A 103 3.97 -21.94 2.21
CA ASP A 103 4.20 -23.33 1.79
C ASP A 103 3.14 -24.25 2.37
N LEU A 104 2.79 -24.04 3.63
CA LEU A 104 1.80 -24.89 4.29
C LEU A 104 0.44 -25.02 3.57
N ILE A 105 -0.15 -23.91 3.09
CA ILE A 105 -1.49 -23.94 2.48
C ILE A 105 -1.76 -22.77 1.52
N LYS A 106 -2.71 -22.90 0.57
CA LYS A 106 -3.06 -21.83 -0.38
C LYS A 106 -4.04 -20.85 0.28
N ALA A 107 -3.66 -19.58 0.44
CA ALA A 107 -4.55 -18.61 1.04
C ALA A 107 -5.42 -17.91 -0.01
N VAL A 108 -6.73 -17.91 0.21
CA VAL A 108 -7.64 -17.25 -0.71
C VAL A 108 -8.34 -16.09 0.01
N PRO A 109 -8.03 -14.84 -0.36
CA PRO A 109 -8.65 -13.69 0.26
C PRO A 109 -10.10 -13.45 -0.17
N VAL A 110 -10.92 -13.04 0.78
CA VAL A 110 -12.32 -12.71 0.59
C VAL A 110 -12.54 -11.41 1.35
N THR A 111 -12.84 -10.33 0.66
CA THR A 111 -12.95 -9.04 1.32
C THR A 111 -14.30 -8.72 1.96
N GLN A 112 -14.19 -8.24 3.19
CA GLN A 112 -15.30 -7.77 3.98
C GLN A 112 -15.02 -6.30 4.17
N ASP A 113 -15.67 -5.45 3.37
CA ASP A 113 -15.48 -4.01 3.41
C ASP A 113 -15.66 -3.38 4.78
N LYS A 114 -16.68 -3.82 5.47
CA LYS A 114 -16.99 -3.32 6.79
C LYS A 114 -17.23 -4.51 7.69
N PRO A 115 -16.81 -4.41 8.96
CA PRO A 115 -16.93 -5.49 9.93
C PRO A 115 -18.33 -5.62 10.52
N LEU A 116 -19.21 -6.14 9.68
CA LEU A 116 -20.61 -6.32 10.02
C LEU A 116 -20.90 -7.48 10.94
N GLY A 117 -19.87 -8.29 11.19
CA GLY A 117 -20.05 -9.40 12.08
C GLY A 117 -19.32 -10.66 11.66
N LEU A 118 -19.15 -11.59 12.60
CA LEU A 118 -18.49 -12.85 12.33
C LEU A 118 -19.32 -13.75 11.45
N GLY A 119 -20.63 -13.64 11.62
CA GLY A 119 -21.55 -14.42 10.84
C GLY A 119 -21.51 -13.87 9.42
N HIS A 120 -21.59 -12.54 9.30
CA HIS A 120 -21.51 -11.95 7.98
C HIS A 120 -20.24 -12.39 7.26
N ALA A 121 -19.12 -12.31 7.96
CA ALA A 121 -17.83 -12.69 7.43
C ALA A 121 -17.85 -14.12 6.91
N VAL A 122 -18.36 -15.02 7.73
CA VAL A 122 -18.43 -16.40 7.32
C VAL A 122 -19.29 -16.52 6.05
N GLY A 123 -20.35 -15.75 5.95
CA GLY A 123 -21.23 -15.83 4.81
C GLY A 123 -20.50 -15.55 3.50
N LEU A 124 -19.55 -14.66 3.58
CA LEU A 124 -18.81 -14.28 2.39
C LEU A 124 -18.04 -15.39 1.73
N ALA A 125 -17.74 -16.43 2.48
CA ALA A 125 -16.95 -17.50 1.92
C ALA A 125 -17.80 -18.50 1.17
N GLU A 126 -19.11 -18.32 1.14
CA GLU A 126 -19.96 -19.28 0.44
C GLU A 126 -19.55 -19.63 -0.98
N SER A 127 -19.43 -18.60 -1.81
CA SER A 127 -19.08 -18.73 -3.22
C SER A 127 -17.65 -19.09 -3.48
N VAL A 128 -16.95 -19.47 -2.44
CA VAL A 128 -15.55 -19.83 -2.57
C VAL A 128 -15.35 -21.32 -2.34
N LEU A 129 -16.33 -21.96 -1.73
CA LEU A 129 -16.23 -23.38 -1.47
C LEU A 129 -16.56 -24.14 -2.73
N ASP A 130 -16.00 -25.31 -2.85
CA ASP A 130 -16.28 -26.16 -3.98
C ASP A 130 -17.55 -26.91 -3.64
N ASP A 131 -18.21 -27.42 -4.68
CA ASP A 131 -19.42 -28.20 -4.61
C ASP A 131 -19.15 -29.53 -3.94
N ASP A 132 -17.93 -30.01 -4.10
CA ASP A 132 -17.45 -31.25 -3.47
C ASP A 132 -17.72 -31.21 -1.97
N GLU A 133 -17.33 -30.08 -1.38
CA GLU A 133 -17.39 -29.77 0.04
C GLU A 133 -18.76 -29.77 0.66
N ASP A 134 -18.86 -30.60 1.69
CA ASP A 134 -20.09 -30.82 2.44
C ASP A 134 -20.23 -30.00 3.68
N VAL A 135 -19.11 -29.47 4.18
CA VAL A 135 -19.12 -28.75 5.43
C VAL A 135 -18.42 -27.39 5.36
N VAL A 136 -18.74 -26.52 6.32
CA VAL A 136 -18.08 -25.24 6.38
C VAL A 136 -17.19 -25.30 7.62
N ALA A 137 -15.89 -25.57 7.45
CA ALA A 137 -14.99 -25.62 8.59
C ALA A 137 -14.56 -24.19 8.81
N VAL A 138 -14.74 -23.69 10.03
CA VAL A 138 -14.35 -22.33 10.38
C VAL A 138 -13.37 -22.39 11.52
N MET A 139 -12.22 -21.74 11.41
CA MET A 139 -11.24 -21.71 12.49
C MET A 139 -10.99 -20.24 12.77
N LEU A 140 -11.18 -19.76 13.99
CA LEU A 140 -10.91 -18.35 14.31
C LEU A 140 -9.44 -18.24 14.63
N PRO A 141 -8.71 -17.37 13.91
CA PRO A 141 -7.29 -17.21 14.09
C PRO A 141 -6.80 -16.55 15.35
N ASP A 142 -7.71 -16.23 16.26
CA ASP A 142 -7.32 -15.62 17.52
C ASP A 142 -7.67 -16.59 18.65
N ASP A 143 -7.80 -17.89 18.38
CA ASP A 143 -8.14 -18.81 19.45
C ASP A 143 -7.41 -20.11 19.26
N LEU A 144 -6.67 -20.53 20.28
CA LEU A 144 -5.91 -21.75 20.20
C LEU A 144 -6.49 -22.86 21.05
N VAL A 145 -6.69 -24.04 20.46
CA VAL A 145 -7.20 -25.23 21.14
C VAL A 145 -6.01 -26.19 21.04
N LEU A 146 -5.43 -26.47 22.18
CA LEU A 146 -4.24 -27.29 22.21
C LEU A 146 -4.37 -28.57 23.01
N PRO A 147 -3.73 -29.62 22.55
CA PRO A 147 -2.93 -29.65 21.33
C PRO A 147 -3.86 -29.67 20.12
N THR A 148 -3.31 -29.41 18.93
CA THR A 148 -4.13 -29.38 17.73
C THR A 148 -4.75 -30.73 17.46
N GLY A 149 -5.93 -30.71 16.84
CA GLY A 149 -6.63 -31.94 16.49
C GLY A 149 -8.07 -32.06 16.91
N VAL A 150 -8.60 -31.02 17.56
CA VAL A 150 -9.98 -31.02 17.99
C VAL A 150 -10.95 -31.16 16.81
N MET A 151 -10.57 -30.62 15.64
CA MET A 151 -11.37 -30.68 14.41
C MET A 151 -11.50 -32.11 13.90
N GLU A 152 -10.44 -32.88 14.07
CA GLU A 152 -10.41 -34.27 13.65
C GLU A 152 -11.52 -34.96 14.44
N ARG A 153 -11.60 -34.69 15.76
CA ARG A 153 -12.61 -35.25 16.64
C ARG A 153 -14.03 -34.79 16.26
N MET A 154 -14.16 -33.51 16.04
CA MET A 154 -15.40 -32.90 15.66
C MET A 154 -15.94 -33.55 14.41
N ALA A 155 -15.04 -33.91 13.50
CA ALA A 155 -15.44 -34.57 12.27
C ALA A 155 -16.10 -35.90 12.57
N GLN A 156 -15.47 -36.69 13.45
CA GLN A 156 -16.02 -37.98 13.84
C GLN A 156 -17.45 -37.81 14.32
N VAL A 157 -17.65 -36.82 15.18
CA VAL A 157 -18.95 -36.52 15.74
C VAL A 157 -19.99 -36.20 14.67
N ARG A 158 -19.59 -35.41 13.67
CA ARG A 158 -20.49 -35.02 12.59
C ARG A 158 -20.89 -36.19 11.76
N ALA A 159 -19.89 -37.01 11.44
CA ALA A 159 -20.09 -38.22 10.69
C ALA A 159 -21.23 -39.00 11.40
N GLU A 160 -21.09 -39.22 12.70
CA GLU A 160 -22.09 -39.97 13.47
C GLU A 160 -23.36 -39.24 13.94
N PHE A 161 -23.63 -38.04 13.47
CA PHE A 161 -24.85 -37.33 13.90
C PHE A 161 -25.31 -36.44 12.77
N GLY A 162 -24.42 -36.25 11.80
CA GLY A 162 -24.79 -35.40 10.69
C GLY A 162 -25.13 -34.03 11.25
N GLY A 163 -25.26 -32.99 10.44
CA GLY A 163 -25.56 -31.77 11.16
C GLY A 163 -24.36 -30.81 11.43
N SER A 164 -24.37 -30.10 12.57
CA SER A 164 -23.30 -29.14 12.91
C SER A 164 -22.55 -29.47 14.19
N VAL A 165 -21.21 -29.25 14.24
CA VAL A 165 -20.38 -29.52 15.44
C VAL A 165 -19.45 -28.36 15.85
N LEU A 166 -19.49 -27.96 17.13
CA LEU A 166 -18.67 -26.90 17.73
C LEU A 166 -17.80 -27.45 18.86
N CYS A 167 -16.83 -26.70 19.33
CA CYS A 167 -15.94 -27.16 20.39
C CYS A 167 -16.09 -26.19 21.53
N ALA A 168 -16.31 -26.73 22.73
CA ALA A 168 -16.52 -25.89 23.89
C ALA A 168 -15.46 -26.14 24.96
N VAL A 169 -15.29 -25.19 25.88
CA VAL A 169 -14.34 -25.36 26.95
C VAL A 169 -15.06 -24.83 28.16
N GLU A 170 -14.84 -25.41 29.34
CA GLU A 170 -15.50 -24.92 30.53
C GLU A 170 -14.81 -23.62 30.88
N VAL A 171 -15.56 -22.64 31.33
CA VAL A 171 -14.96 -21.35 31.60
C VAL A 171 -15.50 -20.75 32.90
N SER A 172 -14.74 -19.89 33.57
CA SER A 172 -15.12 -19.26 34.83
C SER A 172 -16.23 -18.25 34.61
N GLU A 173 -16.93 -17.95 35.67
CA GLU A 173 -17.98 -16.95 35.66
C GLU A 173 -17.46 -15.67 35.01
N ALA A 174 -16.25 -15.28 35.39
CA ALA A 174 -15.62 -14.06 34.93
C ALA A 174 -15.51 -13.89 33.43
N ASP A 175 -15.48 -15.01 32.73
CA ASP A 175 -15.29 -15.08 31.30
C ASP A 175 -16.49 -15.40 30.41
N VAL A 176 -17.68 -15.71 30.95
CA VAL A 176 -18.85 -16.08 30.13
C VAL A 176 -19.32 -15.05 29.13
N SER A 177 -19.26 -13.81 29.55
CA SER A 177 -19.69 -12.66 28.79
C SER A 177 -18.92 -12.39 27.52
N LYS A 178 -17.75 -13.01 27.41
CA LYS A 178 -16.91 -12.83 26.26
C LYS A 178 -17.17 -13.84 25.18
N TYR A 179 -17.99 -14.83 25.45
CA TYR A 179 -18.19 -15.87 24.48
C TYR A 179 -19.62 -16.31 24.24
N GLY A 180 -19.74 -17.23 23.27
CA GLY A 180 -21.00 -17.87 22.93
C GLY A 180 -21.05 -18.98 23.96
N ILE A 181 -22.20 -19.11 24.64
CA ILE A 181 -22.43 -20.08 25.70
C ILE A 181 -23.53 -21.01 25.29
N PHE A 182 -23.30 -22.28 25.48
CA PHE A 182 -24.26 -23.27 25.09
C PHE A 182 -25.30 -23.60 26.15
N GLU A 183 -26.46 -24.10 25.69
CA GLU A 183 -27.52 -24.55 26.56
C GLU A 183 -27.57 -26.03 26.29
N ILE A 184 -27.16 -26.83 27.26
CA ILE A 184 -27.15 -28.25 27.03
C ILE A 184 -28.50 -28.94 27.09
N GLU A 185 -28.65 -29.93 26.21
CA GLU A 185 -29.85 -30.72 26.12
C GLU A 185 -29.66 -32.18 26.56
N ALA A 186 -28.63 -32.87 26.05
CA ALA A 186 -28.42 -34.26 26.41
C ALA A 186 -27.00 -34.77 26.21
N ASP A 187 -26.67 -35.92 26.85
CA ASP A 187 -25.34 -36.53 26.73
C ASP A 187 -25.32 -37.57 25.61
N THR A 188 -24.18 -38.22 25.43
CA THR A 188 -24.02 -39.27 24.45
C THR A 188 -23.15 -40.40 25.04
N LYS A 189 -22.82 -41.37 24.19
CA LYS A 189 -21.98 -42.52 24.54
C LYS A 189 -20.67 -41.98 25.12
N ASP A 190 -20.26 -40.78 24.70
CA ASP A 190 -19.03 -40.15 25.15
C ASP A 190 -19.30 -38.94 26.06
N SER A 191 -18.61 -38.89 27.20
CA SER A 191 -18.74 -37.81 28.17
C SER A 191 -18.35 -36.45 27.61
N ASP A 192 -17.49 -36.45 26.61
CA ASP A 192 -17.01 -35.22 25.99
C ASP A 192 -17.96 -34.65 24.93
N VAL A 193 -18.99 -35.40 24.56
CA VAL A 193 -19.95 -35.01 23.53
C VAL A 193 -21.37 -34.80 24.03
N LYS A 194 -21.84 -33.57 23.87
CA LYS A 194 -23.18 -33.25 24.30
C LYS A 194 -23.99 -32.67 23.15
N LYS A 195 -25.34 -32.90 23.11
CA LYS A 195 -26.22 -32.34 22.08
C LYS A 195 -26.65 -31.01 22.66
N VAL A 196 -26.78 -29.97 21.85
CA VAL A 196 -27.16 -28.67 22.37
C VAL A 196 -28.53 -28.20 21.96
N LYS A 197 -29.14 -27.43 22.85
CA LYS A 197 -30.47 -26.93 22.73
C LYS A 197 -30.64 -25.44 22.54
N GLY A 198 -29.53 -24.74 22.63
CA GLY A 198 -29.50 -23.31 22.42
C GLY A 198 -28.07 -22.79 22.50
N MET A 199 -27.83 -21.59 21.96
CA MET A 199 -26.55 -20.93 22.02
C MET A 199 -26.85 -19.44 22.17
N VAL A 200 -26.17 -18.76 23.10
CA VAL A 200 -26.38 -17.35 23.30
C VAL A 200 -25.02 -16.66 23.25
N GLU A 201 -24.96 -15.53 22.55
CA GLU A 201 -23.73 -14.76 22.39
C GLU A 201 -23.49 -13.73 23.48
N LYS A 202 -22.40 -13.87 24.22
CA LYS A 202 -22.01 -12.92 25.23
C LYS A 202 -23.05 -12.59 26.27
N PRO A 203 -23.67 -13.59 26.89
CA PRO A 203 -24.68 -13.28 27.88
C PRO A 203 -24.14 -12.69 29.16
N ALA A 204 -25.00 -11.96 29.89
CA ALA A 204 -24.59 -11.42 31.17
C ALA A 204 -24.49 -12.68 32.05
N ILE A 205 -23.71 -12.64 33.14
CA ILE A 205 -23.52 -13.78 34.02
C ILE A 205 -24.82 -14.41 34.48
N GLU A 206 -25.74 -13.61 34.99
CA GLU A 206 -27.01 -14.14 35.44
C GLU A 206 -27.73 -14.96 34.38
N ASP A 207 -27.62 -14.51 33.14
CA ASP A 207 -28.25 -15.10 31.99
C ASP A 207 -27.61 -16.29 31.29
N ALA A 208 -26.43 -16.66 31.68
CA ALA A 208 -25.71 -17.76 31.05
C ALA A 208 -26.33 -19.10 31.40
N PRO A 209 -26.67 -19.91 30.40
CA PRO A 209 -27.29 -21.20 30.64
C PRO A 209 -26.32 -22.36 30.93
N SER A 210 -25.04 -22.08 30.96
CA SER A 210 -24.04 -23.09 31.22
C SER A 210 -22.76 -22.35 31.46
N ARG A 211 -21.66 -23.05 31.60
CA ARG A 211 -20.38 -22.41 31.76
C ARG A 211 -19.55 -22.97 30.62
N LEU A 212 -20.23 -23.44 29.57
CA LEU A 212 -19.56 -24.02 28.40
C LEU A 212 -19.55 -22.99 27.27
N ALA A 213 -18.33 -22.55 26.95
CA ALA A 213 -18.09 -21.54 25.95
C ALA A 213 -17.58 -22.06 24.65
N ALA A 214 -18.00 -21.40 23.58
CA ALA A 214 -17.55 -21.79 22.27
C ALA A 214 -16.15 -21.28 22.04
N THR A 215 -15.28 -22.21 21.61
CA THR A 215 -13.95 -21.86 21.20
C THR A 215 -14.21 -21.61 19.70
N GLY A 216 -13.24 -21.05 18.97
CA GLY A 216 -13.42 -20.73 17.57
C GLY A 216 -13.06 -21.88 16.62
N ARG A 217 -13.83 -22.94 16.74
CA ARG A 217 -13.68 -24.12 15.92
C ARG A 217 -15.11 -24.54 15.62
N TYR A 218 -15.40 -24.73 14.32
CA TYR A 218 -16.71 -25.11 13.89
C TYR A 218 -16.64 -26.01 12.65
N LEU A 219 -17.56 -26.96 12.58
CA LEU A 219 -17.76 -27.83 11.43
C LEU A 219 -19.28 -27.60 11.17
N LEU A 220 -19.61 -26.66 10.31
CA LEU A 220 -20.99 -26.32 10.10
C LEU A 220 -21.63 -26.84 8.84
N ASP A 221 -22.88 -27.30 8.99
CA ASP A 221 -23.68 -27.76 7.87
C ASP A 221 -23.86 -26.52 6.98
N ARG A 222 -23.92 -26.76 5.68
CA ARG A 222 -24.06 -25.70 4.72
C ARG A 222 -25.31 -24.86 4.88
N LYS A 223 -26.20 -25.27 5.77
CA LYS A 223 -27.43 -24.55 6.02
C LYS A 223 -27.19 -23.20 6.77
N ILE A 224 -25.99 -22.90 7.30
CA ILE A 224 -25.76 -21.62 8.02
C ILE A 224 -25.81 -20.44 7.07
N PHE A 225 -25.50 -20.70 5.79
CA PHE A 225 -25.50 -19.65 4.79
C PHE A 225 -26.90 -19.10 4.71
N ASP A 226 -27.81 -20.04 4.56
CA ASP A 226 -29.22 -19.79 4.51
C ASP A 226 -29.63 -19.05 5.81
N ALA A 227 -29.27 -19.59 6.98
CA ALA A 227 -29.57 -18.97 8.28
C ALA A 227 -28.97 -17.58 8.49
N LEU A 228 -27.73 -17.41 7.99
CA LEU A 228 -26.99 -16.18 8.10
C LEU A 228 -27.70 -15.05 7.37
N ARG A 229 -28.44 -15.38 6.31
CA ARG A 229 -29.18 -14.38 5.53
C ARG A 229 -30.44 -13.95 6.27
N ARG A 230 -30.87 -14.79 7.20
CA ARG A 230 -32.09 -14.63 7.96
C ARG A 230 -32.06 -13.95 9.32
N ILE A 231 -31.00 -14.20 10.12
CA ILE A 231 -30.85 -13.62 11.44
C ILE A 231 -30.80 -12.08 11.35
N THR A 232 -31.18 -11.37 12.43
CA THR A 232 -31.11 -9.92 12.50
C THR A 232 -29.80 -9.74 13.26
N PRO A 233 -29.23 -8.53 13.26
CA PRO A 233 -28.02 -8.26 14.02
C PRO A 233 -28.27 -8.62 15.47
N GLY A 234 -27.24 -8.92 16.24
CA GLY A 234 -27.45 -9.28 17.64
C GLY A 234 -26.55 -8.42 18.54
N ALA A 235 -25.76 -9.09 19.39
CA ALA A 235 -24.85 -8.43 20.28
C ALA A 235 -23.92 -7.50 19.50
N GLY A 236 -23.76 -6.28 20.01
CA GLY A 236 -22.91 -5.26 19.44
C GLY A 236 -23.26 -4.74 18.07
N GLY A 237 -24.47 -5.02 17.61
CA GLY A 237 -24.89 -4.54 16.31
C GLY A 237 -24.38 -5.42 15.19
N GLU A 238 -23.84 -6.56 15.55
CA GLU A 238 -23.29 -7.45 14.56
C GLU A 238 -24.13 -8.66 14.20
N LEU A 239 -23.87 -9.15 12.99
CA LEU A 239 -24.50 -10.35 12.53
C LEU A 239 -23.60 -11.45 13.08
N GLN A 240 -24.07 -12.03 14.19
CA GLN A 240 -23.38 -13.06 14.94
C GLN A 240 -23.54 -14.48 14.41
N LEU A 241 -22.42 -15.18 14.24
CA LEU A 241 -22.47 -16.54 13.73
C LEU A 241 -23.26 -17.41 14.68
N THR A 242 -23.18 -17.10 15.98
CA THR A 242 -23.87 -17.80 17.05
C THR A 242 -25.38 -17.77 16.85
N ASP A 243 -25.91 -16.61 16.54
CA ASP A 243 -27.34 -16.39 16.31
C ASP A 243 -27.88 -17.26 15.16
N ALA A 244 -27.01 -17.48 14.17
CA ALA A 244 -27.33 -18.29 13.02
C ALA A 244 -27.31 -19.75 13.40
N ILE A 245 -26.37 -20.13 14.26
CA ILE A 245 -26.29 -21.51 14.73
C ILE A 245 -27.52 -21.73 15.64
N ASP A 246 -27.92 -20.71 16.38
CA ASP A 246 -29.08 -20.85 17.24
C ASP A 246 -30.34 -21.04 16.43
N LEU A 247 -30.43 -20.26 15.37
CA LEU A 247 -31.58 -20.34 14.50
C LEU A 247 -31.69 -21.75 13.98
N LEU A 248 -30.56 -22.32 13.60
CA LEU A 248 -30.59 -23.66 13.07
C LEU A 248 -31.07 -24.59 14.15
N ILE A 249 -30.65 -24.35 15.40
CA ILE A 249 -31.09 -25.20 16.51
C ILE A 249 -32.62 -25.18 16.64
N ASP A 250 -33.12 -23.96 16.77
CA ASP A 250 -34.52 -23.60 16.90
C ASP A 250 -35.44 -24.16 15.81
N GLU A 251 -34.85 -24.67 14.75
CA GLU A 251 -35.60 -25.25 13.66
C GLU A 251 -35.28 -26.73 13.60
N GLY A 252 -34.86 -27.28 14.73
CA GLY A 252 -34.56 -28.70 14.87
C GLY A 252 -33.25 -29.27 14.28
N HIS A 253 -32.36 -28.44 13.77
CA HIS A 253 -31.12 -28.96 13.21
C HIS A 253 -30.19 -29.51 14.30
N PRO A 254 -29.54 -30.64 14.08
CA PRO A 254 -28.69 -31.20 15.13
C PRO A 254 -27.32 -30.54 15.31
N VAL A 255 -27.05 -30.08 16.54
CA VAL A 255 -25.80 -29.45 16.92
C VAL A 255 -25.29 -30.07 18.19
N HIS A 256 -24.05 -30.56 18.12
CA HIS A 256 -23.31 -31.20 19.19
C HIS A 256 -21.98 -30.47 19.40
N ILE A 257 -21.46 -30.55 20.62
CA ILE A 257 -20.20 -29.95 20.99
C ILE A 257 -19.23 -31.02 21.47
N VAL A 258 -17.95 -30.86 21.17
CA VAL A 258 -16.89 -31.72 21.65
C VAL A 258 -16.39 -30.81 22.76
N ILE A 259 -16.30 -31.32 23.98
CA ILE A 259 -15.79 -30.51 25.08
C ILE A 259 -14.32 -30.79 25.20
N HIS A 260 -13.53 -29.75 24.99
CA HIS A 260 -12.08 -29.80 25.04
C HIS A 260 -11.68 -29.70 26.49
N GLN A 261 -10.96 -30.71 26.93
CA GLN A 261 -10.54 -30.80 28.31
C GLN A 261 -9.22 -30.10 28.58
N GLY A 262 -8.44 -29.99 27.52
CA GLY A 262 -7.11 -29.40 27.57
C GLY A 262 -6.93 -27.88 27.60
N LYS A 263 -5.72 -27.52 27.18
CA LYS A 263 -5.24 -26.16 27.12
C LYS A 263 -5.99 -25.38 26.07
N ARG A 264 -6.27 -24.11 26.34
CA ARG A 264 -6.97 -23.28 25.38
C ARG A 264 -6.46 -21.87 25.59
N HIS A 265 -6.04 -21.18 24.54
CA HIS A 265 -5.56 -19.82 24.69
C HIS A 265 -6.33 -18.86 23.80
N ASP A 266 -6.98 -17.87 24.42
CA ASP A 266 -7.76 -16.86 23.69
C ASP A 266 -6.78 -15.72 23.35
N LEU A 267 -6.41 -15.55 22.09
CA LEU A 267 -5.45 -14.52 21.74
C LEU A 267 -6.08 -13.18 21.32
N GLY A 268 -7.39 -13.10 21.37
CA GLY A 268 -8.15 -11.95 20.90
C GLY A 268 -8.12 -10.70 21.72
N ASN A 269 -7.60 -10.81 22.91
CA ASN A 269 -7.51 -9.69 23.80
C ASN A 269 -6.26 -9.85 24.67
N PRO A 270 -5.73 -8.75 25.15
CA PRO A 270 -4.52 -8.76 25.95
C PRO A 270 -4.45 -9.74 27.12
N GLY A 271 -5.60 -9.93 27.76
CA GLY A 271 -5.71 -10.82 28.91
C GLY A 271 -5.44 -12.29 28.55
N GLY A 272 -5.80 -12.69 27.34
CA GLY A 272 -5.58 -14.07 26.93
C GLY A 272 -4.30 -14.16 26.16
N TYR A 273 -3.96 -13.09 25.44
CA TYR A 273 -2.74 -13.03 24.63
C TYR A 273 -1.46 -13.03 25.44
N ILE A 274 -1.38 -12.18 26.46
CA ILE A 274 -0.19 -12.16 27.28
C ILE A 274 0.07 -13.55 27.87
N PRO A 275 -0.89 -14.13 28.60
CA PRO A 275 -0.64 -15.46 29.13
C PRO A 275 -0.26 -16.51 28.11
N ALA A 276 -0.77 -16.39 26.89
CA ALA A 276 -0.48 -17.32 25.81
C ALA A 276 0.98 -17.22 25.43
N CYS A 277 1.51 -16.01 25.48
CA CYS A 277 2.87 -15.75 25.10
C CYS A 277 3.79 -16.25 26.18
N VAL A 278 3.33 -16.13 27.42
CA VAL A 278 4.13 -16.57 28.54
C VAL A 278 4.25 -18.07 28.50
N ASP A 279 3.12 -18.69 28.29
CA ASP A 279 3.07 -20.13 28.28
C ASP A 279 4.00 -20.76 27.23
N PHE A 280 3.94 -20.23 26.02
CA PHE A 280 4.77 -20.76 24.94
C PHE A 280 6.22 -20.34 25.09
N GLY A 281 6.42 -19.14 25.61
CA GLY A 281 7.74 -18.60 25.87
C GLY A 281 8.49 -19.43 26.91
N LEU A 282 7.79 -19.84 27.98
CA LEU A 282 8.40 -20.64 29.04
C LEU A 282 8.88 -21.96 28.44
N SER A 283 8.27 -22.41 27.34
CA SER A 283 8.69 -23.65 26.74
C SER A 283 9.77 -23.50 25.65
N HIS A 284 10.07 -22.28 25.27
CA HIS A 284 11.05 -22.02 24.24
C HIS A 284 12.47 -22.36 24.67
N PRO A 285 13.15 -23.21 23.89
CA PRO A 285 14.51 -23.66 24.15
C PRO A 285 15.50 -22.50 24.27
N VAL A 286 15.15 -21.39 23.61
CA VAL A 286 15.99 -20.22 23.69
C VAL A 286 15.56 -19.30 24.83
N TYR A 287 14.33 -18.84 24.82
CA TYR A 287 13.87 -17.91 25.85
C TYR A 287 13.41 -18.41 27.20
N GLY A 288 13.04 -19.67 27.22
CA GLY A 288 12.51 -20.37 28.38
C GLY A 288 12.94 -20.00 29.78
N ALA A 289 14.19 -20.32 30.02
CA ALA A 289 14.79 -20.14 31.31
C ALA A 289 14.86 -18.71 31.80
N GLN A 290 15.20 -17.82 30.88
CA GLN A 290 15.31 -16.39 31.19
C GLN A 290 13.94 -15.75 31.46
N LEU A 291 12.93 -16.17 30.70
CA LEU A 291 11.59 -15.64 30.93
C LEU A 291 11.10 -16.02 32.34
N LYS A 292 11.33 -17.27 32.74
CA LYS A 292 10.89 -17.76 34.04
C LYS A 292 11.37 -16.81 35.12
N ASP A 293 12.65 -16.55 35.05
CA ASP A 293 13.31 -15.67 35.97
C ASP A 293 12.77 -14.25 35.90
N ALA A 294 12.71 -13.69 34.69
CA ALA A 294 12.21 -12.33 34.54
C ALA A 294 10.78 -12.19 35.08
N ILE A 295 9.91 -13.17 34.76
CA ILE A 295 8.53 -13.13 35.21
C ILE A 295 8.37 -13.24 36.71
N LYS A 296 9.02 -14.23 37.31
CA LYS A 296 8.97 -14.41 38.75
C LYS A 296 9.35 -13.09 39.41
N GLN A 297 10.44 -12.50 38.95
CA GLN A 297 10.95 -11.24 39.46
C GLN A 297 9.89 -10.14 39.36
N ILE A 298 9.21 -10.03 38.21
CA ILE A 298 8.19 -9.00 38.00
C ILE A 298 7.01 -9.19 38.95
N LEU A 299 6.61 -10.44 39.16
CA LEU A 299 5.52 -10.77 40.05
C LEU A 299 5.91 -10.30 41.46
N ALA A 300 7.12 -10.63 41.89
CA ALA A 300 7.61 -10.22 43.20
C ALA A 300 7.56 -8.71 43.36
N GLU A 301 7.97 -7.94 42.34
CA GLU A 301 7.96 -6.49 42.38
C GLU A 301 6.55 -5.98 42.54
N HIS A 302 5.61 -6.61 41.84
CA HIS A 302 4.25 -6.19 41.93
C HIS A 302 3.77 -6.35 43.34
N GLU A 303 4.15 -7.49 43.98
CA GLU A 303 3.84 -7.85 45.38
C GLU A 303 4.25 -6.67 46.28
N ALA A 304 5.58 -6.39 46.25
CA ALA A 304 6.22 -5.31 46.99
C ALA A 304 5.68 -3.92 46.66
N ALA A 305 5.22 -3.70 45.43
CA ALA A 305 4.65 -2.42 45.03
C ALA A 305 3.30 -2.32 45.71
N ASN B 10 -33.37 14.75 -8.80
CA ASN B 10 -33.85 15.16 -7.48
C ASN B 10 -33.99 13.98 -6.53
N ALA B 11 -34.08 12.79 -7.15
CA ALA B 11 -34.28 11.50 -6.47
C ALA B 11 -33.06 10.62 -6.24
N VAL B 12 -32.06 10.75 -7.14
CA VAL B 12 -30.83 9.97 -7.07
C VAL B 12 -29.93 10.41 -5.92
N LYS B 13 -29.61 9.50 -4.99
CA LYS B 13 -28.72 9.86 -3.91
C LYS B 13 -27.34 9.27 -4.18
N THR B 14 -27.36 8.00 -4.59
CA THR B 14 -26.16 7.24 -4.87
C THR B 14 -25.99 6.83 -6.31
N VAL B 15 -24.80 7.03 -6.84
CA VAL B 15 -24.46 6.63 -8.18
C VAL B 15 -23.40 5.50 -8.09
N VAL B 16 -23.63 4.34 -8.74
CA VAL B 16 -22.71 3.20 -8.75
C VAL B 16 -21.68 3.36 -9.88
N VAL B 17 -20.41 3.38 -9.53
CA VAL B 17 -19.35 3.55 -10.51
C VAL B 17 -18.43 2.34 -10.48
N PRO B 18 -18.66 1.40 -11.38
CA PRO B 18 -17.85 0.21 -11.46
C PRO B 18 -16.44 0.52 -11.99
N ALA B 19 -15.41 0.34 -11.13
CA ALA B 19 -14.02 0.63 -11.48
C ALA B 19 -13.07 -0.48 -10.99
N ALA B 20 -13.51 -1.74 -11.10
CA ALA B 20 -12.72 -2.83 -10.61
C ALA B 20 -12.18 -3.79 -11.62
N GLY B 21 -12.24 -3.36 -12.85
CA GLY B 21 -11.71 -4.14 -13.94
C GLY B 21 -10.18 -4.06 -14.01
N LEU B 22 -9.65 -4.96 -14.81
CA LEU B 22 -8.24 -5.17 -15.11
C LEU B 22 -7.67 -4.22 -16.16
N GLY B 23 -8.54 -3.62 -16.98
CA GLY B 23 -8.16 -2.70 -18.04
C GLY B 23 -7.10 -3.30 -18.94
N THR B 24 -7.35 -4.51 -19.44
CA THR B 24 -6.39 -5.17 -20.29
C THR B 24 -5.92 -4.41 -21.54
N ARG B 25 -6.78 -3.56 -22.06
CA ARG B 25 -6.48 -2.82 -23.27
C ARG B 25 -5.38 -1.77 -23.13
N PHE B 26 -5.00 -1.49 -21.89
CA PHE B 26 -3.97 -0.53 -21.58
C PHE B 26 -2.72 -1.15 -20.96
N LEU B 27 -2.61 -2.49 -21.01
CA LEU B 27 -1.46 -3.17 -20.45
C LEU B 27 -0.28 -3.02 -21.42
N PRO B 28 0.97 -2.93 -20.91
CA PRO B 28 1.39 -3.07 -19.52
C PRO B 28 1.05 -1.92 -18.57
N ALA B 29 0.64 -0.75 -19.05
CA ALA B 29 0.50 0.41 -18.17
C ALA B 29 -0.44 0.17 -17.03
N THR B 30 -1.52 -0.53 -17.32
CA THR B 30 -2.48 -0.75 -16.29
C THR B 30 -2.13 -1.87 -15.33
N LYS B 31 -0.90 -2.34 -15.37
CA LYS B 31 -0.48 -3.39 -14.45
C LYS B 31 -0.64 -2.82 -13.04
N THR B 32 -0.33 -1.54 -12.86
CA THR B 32 -0.45 -0.92 -11.56
C THR B 32 -1.23 0.38 -11.63
N VAL B 33 -1.59 0.85 -12.83
CA VAL B 33 -2.34 2.08 -12.95
C VAL B 33 -3.78 1.73 -13.36
N PRO B 34 -4.79 2.30 -12.70
CA PRO B 34 -6.15 2.03 -13.07
C PRO B 34 -6.56 2.94 -14.23
N LYS B 35 -7.12 2.34 -15.27
CA LYS B 35 -7.55 3.04 -16.45
C LYS B 35 -8.46 4.20 -16.14
N GLU B 36 -9.15 4.06 -15.03
CA GLU B 36 -10.10 5.03 -14.53
C GLU B 36 -9.43 6.29 -14.00
N LEU B 37 -8.13 6.23 -13.82
CA LEU B 37 -7.35 7.36 -13.32
C LEU B 37 -6.51 8.00 -14.42
N LEU B 38 -6.60 7.49 -15.64
CA LEU B 38 -5.84 8.04 -16.76
C LEU B 38 -6.28 9.47 -17.04
N PRO B 39 -5.34 10.40 -17.22
CA PRO B 39 -5.69 11.79 -17.43
C PRO B 39 -6.25 12.16 -18.81
N VAL B 40 -7.45 12.75 -18.84
CA VAL B 40 -8.06 13.23 -20.08
C VAL B 40 -7.52 14.63 -19.93
N VAL B 41 -6.32 14.81 -20.51
CA VAL B 41 -5.49 15.99 -20.43
C VAL B 41 -4.76 15.91 -19.09
N ASP B 42 -5.45 16.22 -17.99
CA ASP B 42 -4.92 16.17 -16.64
C ASP B 42 -5.90 15.50 -15.65
N THR B 43 -7.18 15.37 -16.05
CA THR B 43 -8.25 14.84 -15.18
C THR B 43 -8.77 13.42 -15.46
N PRO B 44 -8.79 12.55 -14.46
CA PRO B 44 -9.25 11.17 -14.67
C PRO B 44 -10.71 11.06 -15.05
N GLY B 45 -11.10 10.03 -15.81
CA GLY B 45 -12.51 9.89 -16.15
C GLY B 45 -13.38 9.73 -14.89
N ILE B 46 -12.85 9.06 -13.86
CA ILE B 46 -13.64 8.88 -12.66
C ILE B 46 -13.96 10.21 -12.00
N GLU B 47 -13.04 11.17 -12.13
CA GLU B 47 -13.27 12.49 -11.60
C GLU B 47 -14.31 13.16 -12.49
N LEU B 48 -14.28 12.89 -13.81
CA LEU B 48 -15.28 13.46 -14.70
C LEU B 48 -16.66 12.92 -14.31
N ILE B 49 -16.73 11.61 -14.11
CA ILE B 49 -17.96 10.94 -13.71
C ILE B 49 -18.48 11.46 -12.37
N ALA B 50 -17.59 11.65 -11.39
CA ALA B 50 -17.99 12.15 -10.09
C ALA B 50 -18.66 13.52 -10.18
N ALA B 51 -18.15 14.38 -11.06
CA ALA B 51 -18.63 15.73 -11.25
C ALA B 51 -20.03 15.75 -11.84
N GLU B 52 -20.28 14.84 -12.79
CA GLU B 52 -21.55 14.64 -13.47
C GLU B 52 -22.56 14.11 -12.48
N ALA B 53 -22.14 13.19 -11.63
CA ALA B 53 -23.01 12.64 -10.61
C ALA B 53 -23.37 13.75 -9.62
N ALA B 54 -22.43 14.62 -9.28
CA ALA B 54 -22.75 15.69 -8.36
C ALA B 54 -23.81 16.58 -8.99
N GLU B 55 -23.58 16.93 -10.23
CA GLU B 55 -24.49 17.75 -11.01
C GLU B 55 -25.87 17.13 -10.95
N LEU B 56 -25.93 15.80 -10.90
CA LEU B 56 -27.24 15.14 -10.88
C LEU B 56 -27.88 15.24 -9.53
N GLY B 57 -27.12 15.74 -8.53
CA GLY B 57 -27.60 15.88 -7.18
C GLY B 57 -27.22 14.69 -6.30
N ALA B 58 -26.54 13.73 -6.90
CA ALA B 58 -26.12 12.55 -6.16
C ALA B 58 -25.24 13.04 -5.03
N THR B 59 -25.37 12.37 -3.90
CA THR B 59 -24.66 12.72 -2.68
C THR B 59 -23.55 11.74 -2.28
N ARG B 60 -23.60 10.55 -2.88
CA ARG B 60 -22.63 9.48 -2.65
C ARG B 60 -22.26 8.78 -3.94
N LEU B 61 -21.06 8.25 -3.98
CA LEU B 61 -20.56 7.50 -5.11
C LEU B 61 -20.12 6.12 -4.58
N ALA B 62 -20.82 5.04 -5.00
CA ALA B 62 -20.45 3.71 -4.58
C ALA B 62 -19.50 3.19 -5.63
N ILE B 63 -18.22 3.34 -5.35
CA ILE B 63 -17.22 2.91 -6.30
C ILE B 63 -16.87 1.43 -6.16
N ILE B 64 -17.08 0.64 -7.20
CA ILE B 64 -16.71 -0.76 -7.11
C ILE B 64 -15.25 -0.76 -7.43
N THR B 65 -14.47 -1.33 -6.53
CA THR B 65 -13.04 -1.33 -6.67
C THR B 65 -12.37 -2.67 -6.48
N ALA B 66 -11.09 -2.75 -6.74
CA ALA B 66 -10.44 -4.04 -6.57
C ALA B 66 -9.32 -3.91 -5.57
N PRO B 67 -8.91 -5.03 -4.97
CA PRO B 67 -7.84 -5.02 -3.99
C PRO B 67 -6.52 -4.36 -4.43
N ASN B 68 -6.17 -4.51 -5.70
CA ASN B 68 -4.95 -3.95 -6.26
C ASN B 68 -5.08 -2.62 -6.97
N LYS B 69 -6.19 -1.92 -6.69
CA LYS B 69 -6.49 -0.61 -7.24
C LYS B 69 -6.70 0.47 -6.17
N ALA B 70 -5.86 0.51 -5.12
CA ALA B 70 -5.94 1.48 -4.03
C ALA B 70 -6.16 2.94 -4.40
N GLY B 71 -5.62 3.35 -5.53
CA GLY B 71 -5.66 4.73 -6.00
C GLY B 71 -7.04 5.26 -6.32
N VAL B 72 -7.89 4.38 -6.79
CA VAL B 72 -9.25 4.73 -7.13
C VAL B 72 -9.93 5.45 -5.97
N LEU B 73 -9.98 4.81 -4.80
CA LEU B 73 -10.56 5.39 -3.58
C LEU B 73 -9.67 6.53 -3.05
N ALA B 74 -8.37 6.34 -3.12
CA ALA B 74 -7.47 7.34 -2.62
C ALA B 74 -7.60 8.64 -3.39
N HIS B 75 -7.89 8.56 -4.66
CA HIS B 75 -8.09 9.79 -5.41
C HIS B 75 -9.14 10.71 -4.75
N PHE B 76 -10.11 10.10 -4.08
CA PHE B 76 -11.21 10.81 -3.41
C PHE B 76 -11.04 11.07 -1.93
N GLU B 77 -9.82 10.84 -1.43
CA GLU B 77 -9.46 11.04 -0.05
C GLU B 77 -8.41 12.12 -0.02
N ARG B 78 -8.30 12.78 1.11
CA ARG B 78 -7.31 13.82 1.22
C ARG B 78 -5.93 13.23 1.47
N SER B 79 -4.90 13.72 0.78
CA SER B 79 -3.55 13.23 1.00
C SER B 79 -2.76 14.34 1.65
N SER B 80 -2.74 14.35 2.97
CA SER B 80 -2.02 15.40 3.68
C SER B 80 -0.52 15.41 3.38
N GLU B 81 0.02 14.22 3.10
CA GLU B 81 1.43 14.09 2.75
C GLU B 81 1.66 15.03 1.57
N LEU B 82 0.88 14.83 0.49
CA LEU B 82 0.94 15.60 -0.76
C LEU B 82 0.58 17.06 -0.66
N GLU B 83 -0.46 17.39 0.11
CA GLU B 83 -0.90 18.77 0.30
C GLU B 83 0.20 19.59 0.98
N GLU B 84 0.81 18.96 2.00
CA GLU B 84 1.88 19.55 2.78
C GLU B 84 3.03 19.83 1.82
N THR B 85 3.50 18.78 1.16
CA THR B 85 4.59 18.96 0.21
C THR B 85 4.34 20.14 -0.73
N LEU B 86 3.12 20.21 -1.29
CA LEU B 86 2.77 21.29 -2.22
C LEU B 86 2.80 22.68 -1.57
N MET B 87 2.54 22.75 -0.26
CA MET B 87 2.52 24.02 0.47
C MET B 87 3.92 24.64 0.46
N GLU B 88 4.89 23.84 0.89
CA GLU B 88 6.31 24.20 1.02
C GLU B 88 7.08 24.29 -0.29
N ARG B 89 6.30 24.37 -1.37
CA ARG B 89 6.81 24.45 -2.71
C ARG B 89 6.28 25.67 -3.41
N GLY B 90 5.34 26.31 -2.75
CA GLY B 90 4.76 27.52 -3.29
C GLY B 90 3.40 27.45 -3.97
N LYS B 91 2.87 26.25 -4.21
CA LYS B 91 1.59 26.15 -4.89
C LYS B 91 0.34 25.65 -4.19
N THR B 92 -0.38 26.58 -3.51
CA THR B 92 -1.64 26.28 -2.84
C THR B 92 -2.70 26.02 -3.94
N ASP B 93 -2.47 26.58 -5.13
CA ASP B 93 -3.34 26.45 -6.30
C ASP B 93 -3.60 25.00 -6.62
N GLN B 94 -2.58 24.16 -6.38
CA GLN B 94 -2.68 22.74 -6.66
C GLN B 94 -3.32 21.98 -5.52
N VAL B 95 -3.10 22.44 -4.29
CA VAL B 95 -3.70 21.78 -3.15
C VAL B 95 -5.23 21.73 -3.37
N GLU B 96 -5.74 22.73 -4.09
CA GLU B 96 -7.15 22.85 -4.43
C GLU B 96 -7.57 21.84 -5.51
N ILE B 97 -6.70 21.67 -6.51
CA ILE B 97 -6.92 20.74 -7.60
C ILE B 97 -7.00 19.31 -7.05
N ILE B 98 -6.17 18.99 -6.04
CA ILE B 98 -6.16 17.67 -5.44
C ILE B 98 -7.22 17.44 -4.39
N ARG B 99 -8.06 18.44 -4.19
CA ARG B 99 -9.14 18.31 -3.23
C ARG B 99 -10.49 18.29 -3.95
N ARG B 100 -10.52 18.76 -5.20
CA ARG B 100 -11.75 18.82 -5.98
C ARG B 100 -12.62 17.55 -5.93
N ALA B 101 -12.07 16.42 -6.34
CA ALA B 101 -12.84 15.19 -6.39
C ALA B 101 -13.41 14.80 -5.06
N ALA B 102 -12.54 14.81 -4.07
CA ALA B 102 -12.90 14.45 -2.71
C ALA B 102 -14.00 15.34 -2.17
N ASP B 103 -13.93 16.63 -2.52
CA ASP B 103 -14.88 17.61 -2.08
C ASP B 103 -16.21 17.57 -2.83
N LEU B 104 -16.18 17.12 -4.08
CA LEU B 104 -17.40 17.04 -4.90
C LEU B 104 -18.52 16.15 -4.38
N ILE B 105 -18.15 14.97 -3.92
CA ILE B 105 -19.09 13.95 -3.48
C ILE B 105 -18.42 12.89 -2.59
N LYS B 106 -19.21 12.11 -1.84
CA LYS B 106 -18.65 11.09 -0.94
C LYS B 106 -18.49 9.77 -1.61
N ALA B 107 -17.27 9.29 -1.61
CA ALA B 107 -16.95 8.02 -2.19
C ALA B 107 -17.03 6.91 -1.15
N VAL B 108 -17.74 5.86 -1.52
CA VAL B 108 -17.91 4.70 -0.67
C VAL B 108 -17.37 3.54 -1.45
N PRO B 109 -16.29 2.97 -0.98
CA PRO B 109 -15.64 1.88 -1.68
C PRO B 109 -16.40 0.57 -1.53
N VAL B 110 -16.52 -0.23 -2.58
CA VAL B 110 -17.20 -1.52 -2.56
C VAL B 110 -16.23 -2.50 -3.21
N THR B 111 -15.69 -3.45 -2.48
CA THR B 111 -14.71 -4.36 -3.08
C THR B 111 -15.29 -5.51 -3.87
N GLN B 112 -14.68 -5.70 -5.03
CA GLN B 112 -14.96 -6.80 -5.93
C GLN B 112 -13.63 -7.56 -6.07
N ASP B 113 -13.48 -8.65 -5.31
CA ASP B 113 -12.30 -9.48 -5.26
C ASP B 113 -11.77 -9.90 -6.64
N LYS B 114 -12.67 -10.42 -7.46
CA LYS B 114 -12.35 -10.88 -8.80
C LYS B 114 -13.24 -10.20 -9.84
N PRO B 115 -12.72 -9.88 -11.02
CA PRO B 115 -13.56 -9.19 -11.98
C PRO B 115 -14.50 -10.13 -12.71
N LEU B 116 -15.53 -10.55 -12.00
CA LEU B 116 -16.52 -11.48 -12.50
C LEU B 116 -17.47 -10.91 -13.56
N GLY B 117 -17.48 -9.60 -13.67
CA GLY B 117 -18.34 -8.98 -14.64
C GLY B 117 -18.86 -7.63 -14.19
N LEU B 118 -19.30 -6.84 -15.14
CA LEU B 118 -19.86 -5.55 -14.85
C LEU B 118 -21.14 -5.72 -14.08
N GLY B 119 -21.93 -6.73 -14.47
CA GLY B 119 -23.18 -7.02 -13.80
C GLY B 119 -22.92 -7.44 -12.37
N HIS B 120 -21.99 -8.36 -12.22
CA HIS B 120 -21.67 -8.81 -10.90
C HIS B 120 -21.20 -7.64 -10.04
N ALA B 121 -20.51 -6.68 -10.64
CA ALA B 121 -19.98 -5.53 -9.94
C ALA B 121 -21.04 -4.64 -9.42
N VAL B 122 -22.00 -4.39 -10.30
CA VAL B 122 -23.15 -3.59 -9.95
C VAL B 122 -23.94 -4.29 -8.81
N GLY B 123 -24.10 -5.61 -8.86
CA GLY B 123 -24.84 -6.30 -7.82
C GLY B 123 -24.27 -6.09 -6.44
N LEU B 124 -22.95 -5.89 -6.37
CA LEU B 124 -22.25 -5.71 -5.13
C LEU B 124 -22.67 -4.44 -4.40
N ALA B 125 -23.24 -3.48 -5.11
CA ALA B 125 -23.64 -2.24 -4.47
C ALA B 125 -25.00 -2.27 -3.82
N GLU B 126 -25.76 -3.35 -4.03
CA GLU B 126 -27.08 -3.48 -3.43
C GLU B 126 -27.15 -3.12 -1.97
N SER B 127 -26.29 -3.73 -1.15
CA SER B 127 -26.28 -3.47 0.27
C SER B 127 -25.97 -2.01 0.60
N VAL B 128 -25.37 -1.31 -0.33
CA VAL B 128 -24.93 0.05 -0.10
C VAL B 128 -25.87 1.21 -0.31
N LEU B 129 -26.96 0.96 -0.99
CA LEU B 129 -27.92 2.01 -1.22
C LEU B 129 -28.87 2.07 -0.05
N ASP B 130 -29.46 3.24 0.18
CA ASP B 130 -30.44 3.47 1.24
C ASP B 130 -31.65 2.63 0.87
N ASP B 131 -32.39 2.11 1.85
CA ASP B 131 -33.59 1.34 1.51
C ASP B 131 -34.58 2.28 0.80
N ASP B 132 -34.43 3.58 1.09
CA ASP B 132 -35.25 4.66 0.55
C ASP B 132 -34.94 5.11 -0.90
N GLU B 133 -34.00 4.45 -1.57
CA GLU B 133 -33.64 4.77 -2.96
C GLU B 133 -34.43 3.86 -3.88
N ASP B 134 -35.16 4.44 -4.83
CA ASP B 134 -36.00 3.65 -5.74
C ASP B 134 -35.37 3.16 -7.05
N VAL B 135 -34.24 3.77 -7.41
CA VAL B 135 -33.49 3.50 -8.64
C VAL B 135 -32.01 3.28 -8.40
N VAL B 136 -31.38 2.56 -9.32
CA VAL B 136 -29.96 2.31 -9.30
C VAL B 136 -29.36 3.13 -10.44
N ALA B 137 -28.65 4.22 -10.13
CA ALA B 137 -27.98 5.04 -11.13
C ALA B 137 -26.60 4.41 -11.27
N VAL B 138 -26.22 4.02 -12.51
CA VAL B 138 -24.91 3.44 -12.83
C VAL B 138 -24.18 4.32 -13.84
N MET B 139 -22.94 4.73 -13.60
CA MET B 139 -22.17 5.56 -14.52
C MET B 139 -20.78 4.93 -14.75
N LEU B 140 -20.47 4.50 -15.98
CA LEU B 140 -19.18 3.88 -16.27
C LEU B 140 -18.16 4.99 -16.37
N PRO B 141 -17.07 4.87 -15.60
CA PRO B 141 -16.04 5.88 -15.52
C PRO B 141 -15.12 5.99 -16.72
N ASP B 142 -15.23 5.06 -17.66
CA ASP B 142 -14.45 5.10 -18.88
C ASP B 142 -15.34 5.47 -20.04
N ASP B 143 -16.39 6.21 -19.81
CA ASP B 143 -17.29 6.58 -20.87
C ASP B 143 -17.78 8.01 -20.61
N LEU B 144 -17.55 8.97 -21.52
CA LEU B 144 -18.02 10.34 -21.32
C LEU B 144 -19.15 10.71 -22.31
N VAL B 145 -20.25 11.29 -21.81
CA VAL B 145 -21.39 11.73 -22.59
C VAL B 145 -21.53 13.22 -22.40
N LEU B 146 -21.23 13.91 -23.48
CA LEU B 146 -21.18 15.34 -23.51
C LEU B 146 -22.16 16.03 -24.45
N PRO B 147 -22.60 17.22 -24.08
CA PRO B 147 -22.30 17.89 -22.84
C PRO B 147 -22.92 17.05 -21.75
N THR B 148 -22.65 17.33 -20.47
CA THR B 148 -23.23 16.54 -19.41
C THR B 148 -24.66 16.93 -19.09
N GLY B 149 -25.44 15.93 -18.68
CA GLY B 149 -26.82 16.13 -18.32
C GLY B 149 -27.77 15.05 -18.88
N VAL B 150 -27.22 14.07 -19.56
CA VAL B 150 -28.08 13.04 -20.12
C VAL B 150 -28.87 12.30 -19.05
N MET B 151 -28.31 12.32 -17.85
CA MET B 151 -28.94 11.67 -16.71
C MET B 151 -30.19 12.46 -16.32
N GLU B 152 -30.19 13.80 -16.47
CA GLU B 152 -31.36 14.60 -16.14
C GLU B 152 -32.47 14.25 -17.13
N ARG B 153 -32.09 14.07 -18.40
CA ARG B 153 -33.05 13.70 -19.44
C ARG B 153 -33.64 12.31 -19.17
N MET B 154 -32.75 11.39 -18.82
CA MET B 154 -33.08 10.01 -18.53
C MET B 154 -34.04 9.84 -17.36
N ALA B 155 -33.91 10.68 -16.35
CA ALA B 155 -34.78 10.60 -15.17
C ALA B 155 -36.18 11.06 -15.55
N GLN B 156 -36.24 12.02 -16.45
CA GLN B 156 -37.52 12.55 -16.92
C GLN B 156 -38.31 11.39 -17.51
N VAL B 157 -37.66 10.61 -18.36
CA VAL B 157 -38.25 9.46 -19.04
C VAL B 157 -38.70 8.35 -18.09
N ARG B 158 -37.99 8.18 -16.98
CA ARG B 158 -38.33 7.15 -16.01
C ARG B 158 -39.54 7.56 -15.20
N ALA B 159 -39.65 8.86 -14.98
CA ALA B 159 -40.76 9.42 -14.24
C ALA B 159 -42.01 9.18 -15.09
N GLU B 160 -41.83 9.31 -16.40
CA GLU B 160 -42.92 9.16 -17.34
C GLU B 160 -43.34 7.74 -17.59
N PHE B 161 -42.37 6.84 -17.66
CA PHE B 161 -42.68 5.46 -17.98
C PHE B 161 -42.34 4.43 -16.94
N GLY B 162 -41.60 4.81 -15.90
CA GLY B 162 -41.17 3.86 -14.89
C GLY B 162 -40.14 2.96 -15.56
N GLY B 163 -39.85 1.81 -14.97
CA GLY B 163 -38.90 0.85 -15.52
C GLY B 163 -37.48 1.39 -15.52
N SER B 164 -36.65 0.82 -16.37
CA SER B 164 -35.26 1.22 -16.50
C SER B 164 -34.98 2.06 -17.75
N VAL B 165 -33.94 2.89 -17.71
CA VAL B 165 -33.62 3.71 -18.86
C VAL B 165 -32.11 3.75 -19.13
N LEU B 166 -31.70 3.58 -20.37
CA LEU B 166 -30.30 3.60 -20.75
C LEU B 166 -30.05 4.66 -21.84
N CYS B 167 -28.80 5.13 -21.95
CA CYS B 167 -28.39 6.11 -22.95
C CYS B 167 -27.74 5.36 -24.10
N ALA B 168 -28.05 5.79 -25.31
CA ALA B 168 -27.55 5.15 -26.48
C ALA B 168 -26.93 6.15 -27.42
N VAL B 169 -26.09 5.66 -28.34
CA VAL B 169 -25.44 6.44 -29.37
C VAL B 169 -25.40 5.55 -30.59
N GLU B 170 -25.47 6.18 -31.75
CA GLU B 170 -25.42 5.43 -32.98
C GLU B 170 -23.94 5.11 -33.18
N VAL B 171 -23.68 3.93 -33.65
CA VAL B 171 -22.32 3.52 -33.84
C VAL B 171 -22.07 2.96 -35.26
N SER B 172 -20.80 2.96 -35.69
CA SER B 172 -20.41 2.45 -36.99
C SER B 172 -20.43 0.93 -36.93
N GLU B 173 -20.66 0.29 -38.06
CA GLU B 173 -20.71 -1.15 -38.20
C GLU B 173 -19.52 -1.83 -37.49
N ALA B 174 -18.36 -1.14 -37.47
CA ALA B 174 -17.13 -1.68 -36.87
C ALA B 174 -16.99 -1.52 -35.37
N ASP B 175 -17.90 -0.75 -34.76
CA ASP B 175 -17.85 -0.47 -33.33
C ASP B 175 -18.91 -1.20 -32.48
N VAL B 176 -19.83 -1.82 -33.21
CA VAL B 176 -20.94 -2.57 -32.68
C VAL B 176 -20.52 -3.78 -31.84
N SER B 177 -19.46 -4.46 -32.25
CA SER B 177 -18.93 -5.61 -31.51
C SER B 177 -18.36 -5.25 -30.14
N LYS B 178 -18.18 -3.95 -29.89
CA LYS B 178 -17.58 -3.45 -28.65
C LYS B 178 -18.59 -3.06 -27.61
N TYR B 179 -19.83 -2.99 -27.98
CA TYR B 179 -20.82 -2.55 -27.03
C TYR B 179 -22.04 -3.43 -26.85
N GLY B 180 -22.91 -2.91 -25.97
CA GLY B 180 -24.18 -3.49 -25.67
C GLY B 180 -25.06 -2.78 -26.71
N ILE B 181 -25.74 -3.59 -27.55
CA ILE B 181 -26.63 -3.16 -28.66
C ILE B 181 -28.14 -3.37 -28.46
N PHE B 182 -28.92 -2.30 -28.61
CA PHE B 182 -30.36 -2.31 -28.45
C PHE B 182 -31.14 -2.82 -29.66
N GLU B 183 -32.26 -3.50 -29.35
CA GLU B 183 -33.22 -4.05 -30.30
C GLU B 183 -34.45 -3.17 -30.12
N ILE B 184 -34.66 -2.25 -31.06
CA ILE B 184 -35.77 -1.32 -30.97
C ILE B 184 -37.15 -1.96 -31.10
N GLU B 185 -38.02 -1.63 -30.15
CA GLU B 185 -39.36 -2.18 -30.16
C GLU B 185 -40.33 -1.28 -30.89
N ALA B 186 -40.36 -0.02 -30.44
CA ALA B 186 -41.24 0.99 -30.99
C ALA B 186 -40.77 2.41 -30.66
N ASP B 187 -41.13 3.36 -31.52
CA ASP B 187 -40.76 4.74 -31.34
C ASP B 187 -41.61 5.40 -30.26
N THR B 188 -41.35 6.69 -30.00
CA THR B 188 -42.06 7.39 -28.97
C THR B 188 -42.39 8.84 -29.32
N LYS B 189 -43.28 9.47 -28.55
CA LYS B 189 -43.67 10.85 -28.74
C LYS B 189 -42.44 11.70 -29.16
N ASP B 190 -41.29 11.50 -28.48
CA ASP B 190 -40.01 12.17 -28.73
C ASP B 190 -39.20 11.28 -29.64
N SER B 191 -38.53 11.84 -30.65
CA SER B 191 -37.75 11.04 -31.57
C SER B 191 -36.50 10.47 -30.93
N ASP B 192 -36.04 11.14 -29.88
CA ASP B 192 -34.82 10.75 -29.16
C ASP B 192 -35.02 9.76 -28.00
N VAL B 193 -36.24 9.29 -27.83
CA VAL B 193 -36.59 8.31 -26.80
C VAL B 193 -37.26 7.13 -27.49
N LYS B 194 -36.78 5.93 -27.24
CA LYS B 194 -37.36 4.75 -27.86
C LYS B 194 -37.54 3.61 -26.85
N LYS B 195 -38.52 2.75 -27.09
CA LYS B 195 -38.77 1.61 -26.22
C LYS B 195 -37.96 0.49 -26.85
N VAL B 196 -37.36 -0.38 -26.03
CA VAL B 196 -36.55 -1.47 -26.53
C VAL B 196 -37.09 -2.84 -26.21
N LYS B 197 -36.77 -3.77 -27.08
CA LYS B 197 -37.25 -5.13 -27.07
C LYS B 197 -36.21 -6.18 -26.76
N GLY B 198 -34.99 -5.73 -26.67
CA GLY B 198 -33.93 -6.65 -26.36
C GLY B 198 -32.65 -5.88 -26.23
N MET B 199 -31.66 -6.50 -25.60
CA MET B 199 -30.36 -5.91 -25.41
C MET B 199 -29.36 -7.02 -25.54
N VAL B 200 -28.31 -6.83 -26.34
CA VAL B 200 -27.33 -7.87 -26.58
C VAL B 200 -25.91 -7.34 -26.44
N GLU B 201 -25.07 -8.08 -25.75
CA GLU B 201 -23.72 -7.67 -25.49
C GLU B 201 -22.64 -8.06 -26.47
N LYS B 202 -22.02 -7.05 -27.09
CA LYS B 202 -20.94 -7.28 -28.01
C LYS B 202 -21.26 -8.35 -29.05
N PRO B 203 -22.28 -8.14 -29.87
CA PRO B 203 -22.64 -9.17 -30.85
C PRO B 203 -21.77 -9.15 -32.09
N ALA B 204 -21.62 -10.32 -32.73
CA ALA B 204 -20.85 -10.39 -33.96
C ALA B 204 -21.61 -9.38 -34.82
N ILE B 205 -20.99 -8.72 -35.81
CA ILE B 205 -21.70 -7.74 -36.63
C ILE B 205 -22.91 -8.30 -37.39
N GLU B 206 -22.85 -9.58 -37.75
CA GLU B 206 -23.95 -10.20 -38.47
C GLU B 206 -25.22 -10.26 -37.62
N ASP B 207 -25.10 -10.53 -36.31
CA ASP B 207 -26.24 -10.65 -35.39
C ASP B 207 -26.53 -9.46 -34.46
N ALA B 208 -26.29 -8.26 -34.96
CA ALA B 208 -26.56 -7.06 -34.19
C ALA B 208 -27.86 -6.43 -34.65
N PRO B 209 -28.84 -6.33 -33.74
CA PRO B 209 -30.15 -5.78 -34.04
C PRO B 209 -30.24 -4.30 -34.40
N SER B 210 -29.14 -3.56 -34.28
CA SER B 210 -29.18 -2.13 -34.61
C SER B 210 -27.79 -1.51 -34.59
N ARG B 211 -27.70 -0.17 -34.62
CA ARG B 211 -26.42 0.50 -34.59
C ARG B 211 -26.47 1.42 -33.38
N LEU B 212 -27.39 1.06 -32.52
CA LEU B 212 -27.62 1.81 -31.30
C LEU B 212 -26.91 1.04 -30.22
N ALA B 213 -25.90 1.70 -29.68
CA ALA B 213 -25.03 1.15 -28.65
C ALA B 213 -25.16 1.81 -27.29
N ALA B 214 -25.07 0.99 -26.25
CA ALA B 214 -25.15 1.52 -24.89
C ALA B 214 -23.89 2.24 -24.40
N THR B 215 -24.09 3.49 -24.00
CA THR B 215 -22.99 4.25 -23.40
C THR B 215 -23.12 3.86 -21.92
N GLY B 216 -22.17 4.25 -21.09
CA GLY B 216 -22.18 3.88 -19.69
C GLY B 216 -23.03 4.75 -18.80
N ARG B 217 -24.29 4.87 -19.13
CA ARG B 217 -25.24 5.63 -18.35
C ARG B 217 -26.50 4.81 -18.19
N TYR B 218 -26.94 4.55 -16.96
CA TYR B 218 -28.12 3.73 -16.74
C TYR B 218 -28.89 4.20 -15.54
N LEU B 219 -30.21 4.16 -15.62
CA LEU B 219 -31.06 4.49 -14.48
C LEU B 219 -31.90 3.25 -14.39
N LEU B 220 -31.54 2.33 -13.51
CA LEU B 220 -32.22 1.05 -13.46
C LEU B 220 -33.11 0.81 -12.27
N ASP B 221 -34.16 0.03 -12.50
CA ASP B 221 -35.10 -0.33 -11.45
C ASP B 221 -34.45 -1.34 -10.55
N ARG B 222 -34.66 -1.18 -9.25
CA ARG B 222 -34.06 -2.07 -8.30
C ARG B 222 -34.29 -3.52 -8.61
N LYS B 223 -35.22 -3.82 -9.51
CA LYS B 223 -35.50 -5.20 -9.87
C LYS B 223 -34.23 -5.84 -10.45
N ILE B 224 -33.30 -4.99 -10.93
CA ILE B 224 -32.02 -5.41 -11.50
C ILE B 224 -31.23 -6.39 -10.65
N PHE B 225 -31.25 -6.16 -9.34
CA PHE B 225 -30.53 -6.99 -8.42
C PHE B 225 -31.03 -8.41 -8.49
N ASP B 226 -32.34 -8.59 -8.60
CA ASP B 226 -32.94 -9.91 -8.68
C ASP B 226 -32.63 -10.54 -10.04
N ALA B 227 -32.66 -9.70 -11.08
CA ALA B 227 -32.32 -10.13 -12.43
C ALA B 227 -30.83 -10.55 -12.47
N LEU B 228 -29.95 -9.83 -11.77
CA LEU B 228 -28.52 -10.14 -11.68
C LEU B 228 -28.25 -11.47 -10.94
N ARG B 229 -29.17 -11.91 -10.06
CA ARG B 229 -29.00 -13.16 -9.33
C ARG B 229 -29.48 -14.35 -10.18
N ARG B 230 -30.20 -14.06 -11.27
CA ARG B 230 -30.74 -15.11 -12.13
C ARG B 230 -29.87 -15.39 -13.36
N ILE B 231 -29.14 -14.38 -13.77
CA ILE B 231 -28.28 -14.48 -14.93
C ILE B 231 -27.10 -15.41 -14.73
N THR B 232 -26.63 -16.04 -15.83
CA THR B 232 -25.44 -16.90 -15.86
C THR B 232 -24.43 -16.11 -16.70
N PRO B 233 -23.14 -16.44 -16.68
CA PRO B 233 -22.12 -15.75 -17.45
C PRO B 233 -22.37 -15.79 -18.96
N GLY B 234 -22.11 -14.66 -19.63
CA GLY B 234 -22.28 -14.53 -21.07
C GLY B 234 -20.94 -14.28 -21.75
N ALA B 235 -20.88 -13.24 -22.58
CA ALA B 235 -19.70 -12.80 -23.32
C ALA B 235 -18.46 -12.70 -22.47
N GLY B 236 -17.38 -13.27 -22.97
CA GLY B 236 -16.11 -13.28 -22.28
C GLY B 236 -16.14 -13.96 -20.92
N GLY B 237 -17.18 -14.76 -20.65
CA GLY B 237 -17.30 -15.50 -19.39
C GLY B 237 -17.69 -14.61 -18.19
N GLU B 238 -18.15 -13.42 -18.50
CA GLU B 238 -18.52 -12.46 -17.49
C GLU B 238 -20.02 -12.37 -17.28
N LEU B 239 -20.39 -11.96 -16.06
CA LEU B 239 -21.77 -11.74 -15.68
C LEU B 239 -22.03 -10.28 -16.06
N GLN B 240 -22.66 -10.16 -17.21
CA GLN B 240 -22.98 -8.93 -17.88
C GLN B 240 -24.18 -8.13 -17.42
N LEU B 241 -23.98 -6.86 -17.08
CA LEU B 241 -25.17 -6.06 -16.77
C LEU B 241 -26.22 -6.19 -17.88
N THR B 242 -25.76 -6.26 -19.14
CA THR B 242 -26.62 -6.34 -20.31
C THR B 242 -27.63 -7.46 -20.27
N ASP B 243 -27.14 -8.62 -19.89
CA ASP B 243 -27.91 -9.83 -19.82
C ASP B 243 -29.01 -9.84 -18.77
N ALA B 244 -28.81 -9.03 -17.73
CA ALA B 244 -29.75 -8.86 -16.64
C ALA B 244 -30.81 -7.85 -17.14
N ILE B 245 -30.40 -6.84 -17.88
CA ILE B 245 -31.33 -5.85 -18.44
C ILE B 245 -32.24 -6.54 -19.44
N ASP B 246 -31.64 -7.39 -20.27
CA ASP B 246 -32.38 -8.16 -21.25
C ASP B 246 -33.36 -9.08 -20.54
N LEU B 247 -32.97 -9.63 -19.38
CA LEU B 247 -33.82 -10.51 -18.60
C LEU B 247 -35.07 -9.76 -18.21
N LEU B 248 -34.85 -8.56 -17.65
CA LEU B 248 -35.94 -7.72 -17.25
C LEU B 248 -36.85 -7.40 -18.44
N ILE B 249 -36.26 -7.26 -19.63
CA ILE B 249 -37.05 -6.94 -20.80
C ILE B 249 -37.97 -8.10 -21.15
N ASP B 250 -37.41 -9.30 -21.17
CA ASP B 250 -38.21 -10.46 -21.49
C ASP B 250 -39.32 -10.74 -20.48
N GLU B 251 -39.22 -10.13 -19.32
CA GLU B 251 -40.19 -10.32 -18.26
C GLU B 251 -41.33 -9.35 -18.41
N GLY B 252 -41.10 -8.36 -19.24
CA GLY B 252 -42.11 -7.37 -19.48
C GLY B 252 -41.77 -6.01 -18.88
N HIS B 253 -40.70 -5.91 -18.10
CA HIS B 253 -40.36 -4.62 -17.51
C HIS B 253 -40.05 -3.58 -18.56
N PRO B 254 -40.54 -2.35 -18.43
CA PRO B 254 -40.27 -1.31 -19.39
C PRO B 254 -38.80 -0.86 -19.39
N VAL B 255 -38.18 -0.74 -20.57
CA VAL B 255 -36.81 -0.30 -20.73
C VAL B 255 -36.75 0.62 -21.93
N HIS B 256 -36.44 1.90 -21.70
CA HIS B 256 -36.36 2.84 -22.83
C HIS B 256 -34.94 3.37 -22.98
N ILE B 257 -34.64 3.92 -24.17
CA ILE B 257 -33.35 4.54 -24.38
C ILE B 257 -33.54 6.01 -24.71
N VAL B 258 -32.56 6.80 -24.30
CA VAL B 258 -32.48 8.19 -24.63
C VAL B 258 -31.33 8.19 -25.63
N ILE B 259 -31.55 8.63 -26.87
CA ILE B 259 -30.51 8.67 -27.89
C ILE B 259 -29.76 10.00 -27.86
N HIS B 260 -28.49 9.94 -27.49
CA HIS B 260 -27.62 11.10 -27.39
C HIS B 260 -27.12 11.54 -28.75
N GLN B 261 -27.27 12.83 -29.01
CA GLN B 261 -26.91 13.45 -30.28
C GLN B 261 -25.50 14.00 -30.40
N GLY B 262 -24.99 14.46 -29.26
CA GLY B 262 -23.67 15.09 -29.14
C GLY B 262 -22.45 14.17 -29.08
N LYS B 263 -21.39 14.75 -28.51
CA LYS B 263 -20.10 14.12 -28.34
C LYS B 263 -20.11 12.96 -27.34
N ARG B 264 -19.46 11.87 -27.67
CA ARG B 264 -19.36 10.75 -26.76
C ARG B 264 -17.89 10.32 -26.87
N HIS B 265 -17.23 10.03 -25.74
CA HIS B 265 -15.85 9.57 -25.68
C HIS B 265 -15.77 8.32 -24.82
N ASP B 266 -15.33 7.23 -25.46
CA ASP B 266 -15.12 5.95 -24.82
C ASP B 266 -13.63 5.95 -24.34
N LEU B 267 -13.36 6.20 -23.04
CA LEU B 267 -12.01 6.25 -22.49
C LEU B 267 -11.37 4.90 -22.18
N GLY B 268 -12.10 3.85 -22.52
CA GLY B 268 -11.78 2.46 -22.21
C GLY B 268 -10.69 1.73 -22.92
N ASN B 269 -10.27 2.27 -24.05
CA ASN B 269 -9.20 1.69 -24.82
C ASN B 269 -8.40 2.84 -25.47
N PRO B 270 -7.14 2.61 -25.86
CA PRO B 270 -6.32 3.62 -26.48
C PRO B 270 -7.00 4.35 -27.66
N GLY B 271 -7.73 3.62 -28.48
CA GLY B 271 -8.43 4.13 -29.64
C GLY B 271 -9.44 5.23 -29.39
N GLY B 272 -10.03 5.24 -28.18
CA GLY B 272 -11.04 6.22 -27.80
C GLY B 272 -10.47 7.24 -26.85
N TYR B 273 -9.51 6.75 -26.03
CA TYR B 273 -8.81 7.54 -25.03
C TYR B 273 -7.95 8.62 -25.68
N ILE B 274 -7.12 8.25 -26.67
CA ILE B 274 -6.28 9.22 -27.35
C ILE B 274 -7.12 10.31 -28.01
N PRO B 275 -8.14 9.96 -28.81
CA PRO B 275 -8.92 11.04 -29.39
C PRO B 275 -9.57 11.98 -28.35
N ALA B 276 -9.90 11.43 -27.17
CA ALA B 276 -10.51 12.16 -26.08
C ALA B 276 -9.55 13.20 -25.52
N CYS B 277 -8.27 12.80 -25.39
CA CYS B 277 -7.21 13.67 -24.94
C CYS B 277 -7.01 14.76 -26.00
N VAL B 278 -7.08 14.40 -27.29
CA VAL B 278 -6.95 15.43 -28.33
C VAL B 278 -8.12 16.40 -28.23
N ASP B 279 -9.32 15.86 -28.20
CA ASP B 279 -10.52 16.65 -28.12
C ASP B 279 -10.40 17.72 -27.01
N PHE B 280 -10.25 17.26 -25.78
CA PHE B 280 -10.11 18.16 -24.64
C PHE B 280 -8.82 18.97 -24.74
N GLY B 281 -7.76 18.38 -25.32
CA GLY B 281 -6.51 19.10 -25.46
C GLY B 281 -6.64 20.36 -26.32
N LEU B 282 -7.40 20.28 -27.41
CA LEU B 282 -7.58 21.42 -28.30
C LEU B 282 -8.29 22.61 -27.68
N SER B 283 -9.18 22.40 -26.70
CA SER B 283 -9.94 23.46 -26.07
C SER B 283 -9.25 24.06 -24.85
N HIS B 284 -8.13 23.43 -24.46
CA HIS B 284 -7.38 23.83 -23.28
C HIS B 284 -6.70 25.16 -23.44
N PRO B 285 -6.89 26.09 -22.50
CA PRO B 285 -6.28 27.40 -22.65
C PRO B 285 -4.78 27.45 -22.76
N VAL B 286 -4.10 26.48 -22.19
CA VAL B 286 -2.65 26.51 -22.26
C VAL B 286 -2.08 25.71 -23.43
N TYR B 287 -2.55 24.47 -23.59
CA TYR B 287 -2.04 23.57 -24.60
C TYR B 287 -2.67 23.57 -25.97
N GLY B 288 -3.84 24.17 -26.04
CA GLY B 288 -4.66 24.27 -27.25
C GLY B 288 -3.89 24.50 -28.53
N ALA B 289 -3.46 25.74 -28.68
CA ALA B 289 -2.70 26.21 -29.84
C ALA B 289 -1.60 25.26 -30.30
N GLN B 290 -0.68 24.92 -29.37
CA GLN B 290 0.47 24.04 -29.64
C GLN B 290 0.14 22.60 -30.01
N LEU B 291 -0.88 22.06 -29.37
CA LEU B 291 -1.31 20.70 -29.60
C LEU B 291 -1.73 20.58 -31.05
N LYS B 292 -2.53 21.55 -31.50
CA LYS B 292 -3.05 21.61 -32.85
C LYS B 292 -1.94 21.53 -33.88
N ASP B 293 -0.96 22.41 -33.70
CA ASP B 293 0.21 22.47 -34.56
C ASP B 293 0.94 21.12 -34.54
N ALA B 294 1.22 20.64 -33.33
CA ALA B 294 1.92 19.38 -33.11
C ALA B 294 1.24 18.20 -33.80
N ILE B 295 -0.06 18.09 -33.60
CA ILE B 295 -0.84 17.03 -34.18
C ILE B 295 -0.97 17.08 -35.71
N LYS B 296 -1.10 18.31 -36.21
CA LYS B 296 -1.21 18.48 -37.64
C LYS B 296 0.10 18.00 -38.28
N GLN B 297 1.27 18.34 -37.71
CA GLN B 297 2.55 17.87 -38.22
C GLN B 297 2.73 16.35 -38.20
N ILE B 298 2.26 15.71 -37.10
CA ILE B 298 2.33 14.27 -36.92
C ILE B 298 1.42 13.57 -37.95
N LEU B 299 0.23 14.13 -38.17
CA LEU B 299 -0.71 13.58 -39.15
C LEU B 299 -0.03 13.60 -40.52
N ALA B 300 0.54 14.76 -40.89
CA ALA B 300 1.25 14.94 -42.15
C ALA B 300 2.41 13.96 -42.26
N GLU B 301 3.22 13.86 -41.21
CA GLU B 301 4.36 12.95 -41.19
C GLU B 301 3.94 11.52 -41.54
N HIS B 302 2.83 11.09 -40.98
CA HIS B 302 2.31 9.76 -41.21
C HIS B 302 1.81 9.61 -42.64
N GLU B 303 1.10 10.63 -43.16
CA GLU B 303 0.62 10.58 -44.54
C GLU B 303 1.80 10.32 -45.46
N ALA B 304 2.86 11.09 -45.26
CA ALA B 304 4.06 10.94 -46.06
C ALA B 304 4.59 9.53 -45.94
N ALA B 305 4.77 9.08 -44.70
CA ALA B 305 5.25 7.74 -44.45
C ALA B 305 4.48 6.71 -45.25
N GLU B 306 3.15 6.85 -45.18
CA GLU B 306 2.23 5.96 -45.85
C GLU B 306 2.43 5.79 -47.35
N ARG B 307 2.62 6.91 -48.03
CA ARG B 307 2.82 6.90 -49.46
C ARG B 307 4.14 6.23 -49.78
N ILE B 308 5.13 6.50 -48.91
CA ILE B 308 6.47 5.95 -49.08
C ILE B 308 6.56 4.53 -48.54
N ASN C 10 31.03 3.28 -21.84
CA ASN C 10 31.24 2.18 -22.77
C ASN C 10 30.81 0.86 -22.15
N ALA C 11 31.09 0.77 -20.86
CA ALA C 11 30.70 -0.37 -20.06
C ALA C 11 29.72 0.20 -19.02
N VAL C 12 28.46 0.40 -19.42
CA VAL C 12 27.48 0.94 -18.50
C VAL C 12 26.82 -0.22 -17.76
N LYS C 13 26.75 -0.13 -16.43
CA LYS C 13 26.08 -1.17 -15.71
C LYS C 13 24.76 -0.62 -15.16
N THR C 14 24.85 0.54 -14.52
CA THR C 14 23.71 1.18 -13.91
C THR C 14 23.25 2.41 -14.62
N VAL C 15 21.96 2.52 -14.74
CA VAL C 15 21.39 3.68 -15.37
C VAL C 15 20.44 4.27 -14.35
N VAL C 16 20.65 5.55 -14.06
CA VAL C 16 19.84 6.24 -13.08
C VAL C 16 18.61 6.81 -13.73
N VAL C 17 17.44 6.43 -13.23
CA VAL C 17 16.16 6.88 -13.71
C VAL C 17 15.42 7.58 -12.59
N PRO C 18 15.49 8.90 -12.59
CA PRO C 18 14.83 9.72 -11.58
C PRO C 18 13.32 9.72 -11.86
N ALA C 19 12.56 9.11 -10.93
CA ALA C 19 11.11 8.97 -11.08
C ALA C 19 10.34 9.35 -9.83
N ALA C 20 10.89 10.32 -9.14
CA ALA C 20 10.32 10.72 -7.87
C ALA C 20 9.64 12.05 -7.72
N GLY C 21 9.39 12.71 -8.82
CA GLY C 21 8.79 14.03 -8.76
C GLY C 21 7.30 14.04 -8.56
N LEU C 22 6.74 15.22 -8.44
CA LEU C 22 5.33 15.42 -8.19
C LEU C 22 4.36 15.29 -9.35
N GLY C 23 4.83 15.48 -10.57
CA GLY C 23 4.00 15.41 -11.77
C GLY C 23 2.93 16.47 -11.71
N THR C 24 3.26 17.66 -11.20
CA THR C 24 2.27 18.71 -11.10
C THR C 24 1.42 19.00 -12.34
N ARG C 25 2.05 18.93 -13.49
CA ARG C 25 1.48 19.22 -14.78
C ARG C 25 0.35 18.31 -15.21
N PHE C 26 0.27 17.17 -14.54
CA PHE C 26 -0.77 16.20 -14.83
C PHE C 26 -1.74 16.12 -13.67
N LEU C 27 -1.67 17.03 -12.67
CA LEU C 27 -2.59 17.00 -11.54
C LEU C 27 -3.96 17.36 -12.04
N PRO C 28 -5.07 16.81 -11.52
CA PRO C 28 -5.20 15.87 -10.41
C PRO C 28 -4.96 14.40 -10.66
N ALA C 29 -4.75 14.00 -11.90
CA ALA C 29 -4.50 12.59 -12.18
C ALA C 29 -3.31 12.00 -11.45
N THR C 30 -2.22 12.77 -11.36
CA THR C 30 -0.98 12.38 -10.72
C THR C 30 -0.99 12.36 -9.20
N LYS C 31 -2.14 12.64 -8.58
CA LYS C 31 -2.32 12.62 -7.14
C LYS C 31 -1.90 11.23 -6.63
N THR C 32 -2.31 10.17 -7.34
CA THR C 32 -1.95 8.80 -7.00
C THR C 32 -1.28 8.06 -8.13
N VAL C 33 -1.29 8.60 -9.34
CA VAL C 33 -0.70 7.98 -10.52
C VAL C 33 0.60 8.67 -10.89
N PRO C 34 1.71 7.93 -11.03
CA PRO C 34 3.00 8.48 -11.39
C PRO C 34 3.03 8.76 -12.87
N LYS C 35 3.50 9.94 -13.27
CA LYS C 35 3.55 10.30 -14.65
C LYS C 35 4.41 9.38 -15.50
N GLU C 36 5.32 8.76 -14.80
CA GLU C 36 6.23 7.85 -15.44
C GLU C 36 5.55 6.57 -15.87
N LEU C 37 4.31 6.40 -15.41
CA LEU C 37 3.57 5.21 -15.73
C LEU C 37 2.50 5.50 -16.74
N LEU C 38 2.37 6.74 -17.19
CA LEU C 38 1.30 7.01 -18.16
C LEU C 38 1.50 6.27 -19.45
N PRO C 39 0.44 5.68 -20.01
CA PRO C 39 0.61 4.97 -21.25
C PRO C 39 0.82 5.85 -22.47
N VAL C 40 1.85 5.52 -23.25
CA VAL C 40 2.17 6.11 -24.53
C VAL C 40 1.48 5.01 -25.30
N VAL C 41 0.21 5.22 -25.62
CA VAL C 41 -0.67 4.24 -26.25
C VAL C 41 -1.02 3.29 -25.08
N ASP C 42 -0.11 2.36 -24.73
CA ASP C 42 -0.30 1.39 -23.64
C ASP C 42 0.94 1.10 -22.76
N THR C 43 2.10 1.67 -23.13
CA THR C 43 3.38 1.46 -22.45
C THR C 43 3.93 2.73 -21.78
N PRO C 44 4.23 2.62 -20.49
CA PRO C 44 4.76 3.71 -19.70
C PRO C 44 6.10 4.18 -20.22
N GLY C 45 6.43 5.45 -20.00
CA GLY C 45 7.69 5.95 -20.50
C GLY C 45 8.84 5.26 -19.79
N ILE C 46 8.63 4.89 -18.53
CA ILE C 46 9.66 4.19 -17.75
C ILE C 46 10.04 2.85 -18.39
N GLU C 47 9.06 2.15 -18.91
CA GLU C 47 9.32 0.86 -19.56
C GLU C 47 10.11 1.07 -20.82
N LEU C 48 9.85 2.17 -21.55
CA LEU C 48 10.58 2.45 -22.77
C LEU C 48 12.03 2.83 -22.46
N ILE C 49 12.24 3.60 -21.38
CA ILE C 49 13.55 4.01 -20.94
C ILE C 49 14.27 2.74 -20.49
N ALA C 50 13.58 1.90 -19.77
CA ALA C 50 14.18 0.65 -19.32
C ALA C 50 14.69 -0.14 -20.52
N ALA C 51 13.90 -0.18 -21.59
CA ALA C 51 14.28 -0.88 -22.81
C ALA C 51 15.48 -0.21 -23.47
N GLU C 52 15.54 1.12 -23.41
CA GLU C 52 16.64 1.85 -24.02
C GLU C 52 17.92 1.57 -23.24
N ALA C 53 17.80 1.39 -21.92
CA ALA C 53 18.94 1.12 -21.04
C ALA C 53 19.53 -0.25 -21.22
N ALA C 54 18.65 -1.24 -21.41
CA ALA C 54 19.02 -2.62 -21.65
C ALA C 54 19.73 -2.71 -22.99
N GLU C 55 19.27 -1.90 -23.94
CA GLU C 55 19.83 -1.84 -25.27
C GLU C 55 21.26 -1.34 -25.26
N LEU C 56 21.54 -0.45 -24.32
CA LEU C 56 22.86 0.13 -24.09
C LEU C 56 23.76 -0.92 -23.41
N GLY C 57 23.17 -2.00 -22.87
CA GLY C 57 23.92 -3.05 -22.20
C GLY C 57 23.88 -2.90 -20.67
N ALA C 58 23.03 -2.00 -20.18
CA ALA C 58 22.91 -1.79 -18.75
C ALA C 58 22.26 -3.03 -18.17
N THR C 59 22.57 -3.33 -16.93
CA THR C 59 22.09 -4.52 -16.28
C THR C 59 21.22 -4.21 -15.09
N ARG C 60 21.19 -2.95 -14.75
CA ARG C 60 20.45 -2.54 -13.61
C ARG C 60 19.96 -1.11 -13.73
N LEU C 61 18.77 -0.84 -13.22
CA LEU C 61 18.17 0.48 -13.28
C LEU C 61 17.99 1.08 -11.87
N ALA C 62 18.68 2.18 -11.57
CA ALA C 62 18.52 2.82 -10.27
C ALA C 62 17.39 3.82 -10.38
N ILE C 63 16.20 3.38 -10.03
CA ILE C 63 15.02 4.21 -10.09
C ILE C 63 14.85 5.01 -8.82
N ILE C 64 15.02 6.33 -8.93
CA ILE C 64 14.81 7.19 -7.79
C ILE C 64 13.28 7.24 -7.69
N THR C 65 12.74 6.78 -6.58
CA THR C 65 11.32 6.77 -6.42
C THR C 65 10.90 7.55 -5.21
N ALA C 66 9.61 7.74 -5.01
CA ALA C 66 9.11 8.50 -3.87
C ALA C 66 8.26 7.59 -3.00
N PRO C 67 8.05 7.91 -1.73
CA PRO C 67 7.26 7.03 -0.85
C PRO C 67 5.87 6.73 -1.37
N ASN C 68 5.19 7.76 -1.87
CA ASN C 68 3.85 7.68 -2.42
C ASN C 68 3.75 7.14 -3.86
N LYS C 69 4.85 6.68 -4.45
CA LYS C 69 4.83 6.22 -5.83
C LYS C 69 5.24 4.77 -6.03
N ALA C 70 4.68 3.90 -5.21
CA ALA C 70 4.99 2.48 -5.23
C ALA C 70 4.81 1.70 -6.51
N GLY C 71 3.96 2.23 -7.38
CA GLY C 71 3.66 1.60 -8.65
C GLY C 71 4.89 1.62 -9.55
N VAL C 72 5.76 2.59 -9.35
CA VAL C 72 6.93 2.64 -10.20
C VAL C 72 7.76 1.37 -10.08
N LEU C 73 8.13 0.97 -8.86
CA LEU C 73 8.90 -0.25 -8.63
C LEU C 73 8.11 -1.47 -9.04
N ALA C 74 6.85 -1.56 -8.56
CA ALA C 74 5.97 -2.68 -8.87
C ALA C 74 5.81 -2.94 -10.35
N HIS C 75 5.88 -1.90 -11.17
CA HIS C 75 5.75 -2.12 -12.58
C HIS C 75 6.86 -3.09 -13.01
N PHE C 76 7.97 -3.11 -12.27
CA PHE C 76 9.10 -3.96 -12.60
C PHE C 76 9.18 -5.27 -11.87
N GLU C 77 8.15 -5.62 -11.14
CA GLU C 77 8.17 -6.87 -10.42
C GLU C 77 6.94 -7.68 -10.74
N ARG C 78 7.07 -8.97 -10.59
CA ARG C 78 6.00 -9.93 -10.84
C ARG C 78 4.75 -9.54 -10.08
N SER C 79 3.62 -9.63 -10.77
CA SER C 79 2.35 -9.31 -10.18
C SER C 79 1.58 -10.63 -10.16
N SER C 80 1.88 -11.42 -9.15
CA SER C 80 1.28 -12.74 -8.95
C SER C 80 -0.22 -12.86 -9.24
N GLU C 81 -1.01 -12.16 -8.43
CA GLU C 81 -2.47 -12.17 -8.53
C GLU C 81 -3.03 -11.76 -9.88
N LEU C 82 -2.37 -10.84 -10.58
CA LEU C 82 -2.81 -10.38 -11.90
C LEU C 82 -2.56 -11.41 -13.00
N GLU C 83 -1.43 -12.09 -12.92
CA GLU C 83 -1.05 -13.15 -13.86
C GLU C 83 -2.04 -14.31 -13.64
N GLU C 84 -2.32 -14.61 -12.35
CA GLU C 84 -3.25 -15.67 -11.95
C GLU C 84 -4.65 -15.36 -12.49
N THR C 85 -5.04 -14.06 -12.51
CA THR C 85 -6.35 -13.64 -13.03
C THR C 85 -6.41 -13.74 -14.56
N LEU C 86 -5.31 -13.40 -15.22
CA LEU C 86 -5.25 -13.46 -16.69
C LEU C 86 -5.10 -14.90 -17.17
N MET C 87 -4.63 -15.78 -16.26
CA MET C 87 -4.42 -17.20 -16.55
C MET C 87 -5.78 -17.87 -16.65
N GLU C 88 -6.59 -17.70 -15.61
CA GLU C 88 -7.93 -18.26 -15.58
C GLU C 88 -8.57 -18.06 -16.96
N ARG C 89 -8.45 -16.82 -17.48
CA ARG C 89 -9.01 -16.41 -18.76
C ARG C 89 -8.16 -16.82 -19.97
N GLY C 90 -6.95 -17.28 -19.68
CA GLY C 90 -6.03 -17.71 -20.73
C GLY C 90 -5.57 -16.57 -21.63
N LYS C 91 -5.39 -15.40 -21.01
CA LYS C 91 -4.93 -14.20 -21.71
C LYS C 91 -3.41 -14.31 -21.63
N THR C 92 -2.87 -15.23 -22.44
CA THR C 92 -1.46 -15.56 -22.53
C THR C 92 -0.56 -14.47 -23.01
N ASP C 93 -1.04 -13.74 -23.99
CA ASP C 93 -0.25 -12.66 -24.52
C ASP C 93 -0.16 -11.55 -23.47
N GLN C 94 -1.24 -11.37 -22.71
CA GLN C 94 -1.32 -10.36 -21.65
C GLN C 94 -0.32 -10.65 -20.53
N VAL C 95 -0.09 -11.94 -20.20
CA VAL C 95 0.84 -12.33 -19.17
C VAL C 95 2.28 -11.97 -19.54
N GLU C 96 2.63 -12.16 -20.81
CA GLU C 96 3.97 -11.82 -21.28
C GLU C 96 4.19 -10.32 -21.28
N ILE C 97 3.12 -9.60 -21.66
CA ILE C 97 3.10 -8.14 -21.70
C ILE C 97 3.52 -7.54 -20.34
N ILE C 98 2.94 -8.07 -19.24
CA ILE C 98 3.23 -7.60 -17.88
C ILE C 98 4.52 -8.17 -17.24
N ARG C 99 5.27 -8.97 -18.00
CA ARG C 99 6.51 -9.58 -17.53
C ARG C 99 7.68 -8.94 -18.22
N ARG C 100 7.37 -8.25 -19.31
CA ARG C 100 8.34 -7.58 -20.14
C ARG C 100 9.33 -6.67 -19.42
N ALA C 101 8.79 -5.74 -18.62
CA ALA C 101 9.61 -4.79 -17.89
C ALA C 101 10.64 -5.46 -16.98
N ALA C 102 10.19 -6.43 -16.20
CA ALA C 102 11.05 -7.17 -15.30
C ALA C 102 12.12 -7.92 -16.06
N ASP C 103 11.80 -8.46 -17.25
CA ASP C 103 12.74 -9.22 -18.07
C ASP C 103 13.81 -8.35 -18.69
N LEU C 104 13.49 -7.09 -18.94
CA LEU C 104 14.41 -6.15 -19.57
C LEU C 104 15.61 -5.79 -18.70
N ILE C 105 15.37 -5.47 -17.45
CA ILE C 105 16.48 -5.08 -16.60
C ILE C 105 16.06 -5.16 -15.16
N LYS C 106 17.02 -5.28 -14.26
CA LYS C 106 16.72 -5.37 -12.86
C LYS C 106 16.60 -4.01 -12.22
N ALA C 107 15.44 -3.72 -11.61
CA ALA C 107 15.24 -2.42 -11.00
C ALA C 107 15.59 -2.38 -9.54
N VAL C 108 16.35 -1.36 -9.15
CA VAL C 108 16.77 -1.15 -7.78
C VAL C 108 16.13 0.13 -7.30
N PRO C 109 15.32 0.11 -6.26
CA PRO C 109 14.70 1.34 -5.83
C PRO C 109 15.63 2.22 -5.02
N VAL C 110 15.47 3.54 -5.13
CA VAL C 110 16.28 4.48 -4.37
C VAL C 110 15.29 5.57 -3.96
N THR C 111 15.01 5.68 -2.69
CA THR C 111 14.03 6.65 -2.21
C THR C 111 14.52 8.07 -2.04
N GLN C 112 13.71 9.00 -2.50
CA GLN C 112 13.94 10.41 -2.34
C GLN C 112 12.71 10.85 -1.57
N ASP C 113 12.84 10.96 -0.26
CA ASP C 113 11.73 11.35 0.60
C ASP C 113 10.98 12.58 0.14
N LYS C 114 11.74 13.55 -0.33
CA LYS C 114 11.16 14.82 -0.76
C LYS C 114 11.78 15.28 -2.07
N PRO C 115 10.95 15.79 -2.97
CA PRO C 115 11.40 16.20 -4.30
C PRO C 115 12.28 17.44 -4.29
N LEU C 116 13.48 17.29 -3.79
CA LEU C 116 14.41 18.41 -3.69
C LEU C 116 15.02 18.95 -4.97
N GLY C 117 14.71 18.28 -6.08
CA GLY C 117 15.21 18.63 -7.41
C GLY C 117 15.82 17.43 -8.12
N LEU C 118 15.99 17.55 -9.45
CA LEU C 118 16.57 16.48 -10.22
C LEU C 118 18.02 16.24 -9.86
N GLY C 119 18.75 17.30 -9.51
CA GLY C 119 20.14 17.12 -9.14
C GLY C 119 20.23 16.26 -7.88
N HIS C 120 19.46 16.63 -6.89
CA HIS C 120 19.43 15.90 -5.64
C HIS C 120 19.14 14.41 -5.88
N ALA C 121 18.18 14.13 -6.74
CA ALA C 121 17.81 12.76 -7.03
C ALA C 121 18.96 11.96 -7.61
N VAL C 122 19.71 12.57 -8.50
CA VAL C 122 20.84 11.90 -9.10
C VAL C 122 21.85 11.59 -8.02
N GLY C 123 22.08 12.59 -7.15
CA GLY C 123 23.00 12.50 -6.02
C GLY C 123 22.68 11.31 -5.12
N LEU C 124 21.40 10.93 -4.99
CA LEU C 124 21.07 9.78 -4.16
C LEU C 124 21.52 8.48 -4.77
N ALA C 125 21.85 8.49 -6.05
CA ALA C 125 22.27 7.24 -6.65
C ALA C 125 23.73 6.89 -6.45
N GLU C 126 24.52 7.81 -5.91
CA GLU C 126 25.91 7.51 -5.72
C GLU C 126 26.27 6.16 -5.11
N SER C 127 25.70 5.84 -3.96
CA SER C 127 25.99 4.60 -3.24
C SER C 127 25.59 3.31 -3.90
N VAL C 128 24.61 3.44 -4.78
CA VAL C 128 24.08 2.29 -5.48
C VAL C 128 24.98 1.76 -6.59
N LEU C 129 25.87 2.59 -7.05
CA LEU C 129 26.73 2.17 -8.14
C LEU C 129 27.88 1.29 -7.69
N ASP C 130 28.33 0.37 -8.56
CA ASP C 130 29.49 -0.43 -8.21
C ASP C 130 30.64 0.55 -8.30
N ASP C 131 31.61 0.44 -7.38
CA ASP C 131 32.81 1.27 -7.31
C ASP C 131 33.61 1.19 -8.64
N ASP C 132 33.48 0.05 -9.34
CA ASP C 132 34.12 -0.23 -10.62
C ASP C 132 33.47 0.59 -11.75
N GLU C 133 32.41 1.34 -11.43
CA GLU C 133 31.67 2.09 -12.43
C GLU C 133 32.25 3.45 -12.76
N ASP C 134 32.54 3.60 -14.04
CA ASP C 134 33.16 4.79 -14.59
C ASP C 134 32.33 6.04 -14.87
N VAL C 135 31.06 5.86 -15.26
CA VAL C 135 30.17 6.99 -15.55
C VAL C 135 28.88 6.90 -14.78
N VAL C 136 28.18 8.03 -14.78
CA VAL C 136 26.87 8.13 -14.19
C VAL C 136 25.91 8.32 -15.38
N ALA C 137 25.29 7.25 -15.86
CA ALA C 137 24.35 7.29 -16.96
C ALA C 137 22.97 7.62 -16.39
N VAL C 138 22.36 8.73 -16.84
CA VAL C 138 21.05 9.24 -16.43
C VAL C 138 20.07 9.28 -17.62
N MET C 139 18.92 8.61 -17.53
CA MET C 139 17.91 8.60 -18.57
C MET C 139 16.64 9.06 -17.89
N LEU C 140 16.10 10.20 -18.32
CA LEU C 140 14.88 10.73 -17.74
C LEU C 140 13.68 9.97 -18.33
N PRO C 141 12.81 9.41 -17.50
CA PRO C 141 11.72 8.58 -17.97
C PRO C 141 10.55 9.24 -18.69
N ASP C 142 10.52 10.57 -18.69
CA ASP C 142 9.47 11.33 -19.38
C ASP C 142 10.03 11.96 -20.65
N ASP C 143 11.06 11.38 -21.26
CA ASP C 143 11.63 12.00 -22.45
C ASP C 143 12.13 10.93 -23.39
N LEU C 144 11.52 10.84 -24.58
CA LEU C 144 11.88 9.85 -25.59
C LEU C 144 12.71 10.50 -26.69
N VAL C 145 13.88 9.94 -26.99
CA VAL C 145 14.76 10.41 -28.03
C VAL C 145 14.74 9.24 -28.98
N LEU C 146 14.24 9.44 -30.19
CA LEU C 146 14.07 8.32 -31.11
C LEU C 146 14.78 8.40 -32.46
N PRO C 147 15.24 7.26 -32.99
CA PRO C 147 15.16 5.93 -32.42
C PRO C 147 16.17 5.81 -31.31
N THR C 148 16.09 4.76 -30.50
CA THR C 148 17.00 4.56 -29.41
C THR C 148 18.42 4.35 -29.89
N GLY C 149 19.41 4.86 -29.13
CA GLY C 149 20.81 4.70 -29.52
C GLY C 149 21.66 5.92 -29.26
N VAL C 150 21.04 7.03 -28.94
CA VAL C 150 21.84 8.19 -28.69
C VAL C 150 22.88 7.99 -27.62
N MET C 151 22.55 7.16 -26.62
CA MET C 151 23.45 6.84 -25.53
C MET C 151 24.74 6.20 -26.06
N GLU C 152 24.64 5.29 -27.02
CA GLU C 152 25.83 4.67 -27.58
C GLU C 152 26.71 5.76 -28.22
N ARG C 153 26.13 6.71 -28.96
CA ARG C 153 26.89 7.78 -29.61
C ARG C 153 27.56 8.71 -28.59
N MET C 154 26.85 8.98 -27.49
CA MET C 154 27.36 9.81 -26.41
C MET C 154 28.59 9.15 -25.74
N ALA C 155 28.59 7.81 -25.66
CA ALA C 155 29.69 7.03 -25.08
C ALA C 155 30.94 7.12 -25.94
N GLN C 156 30.75 7.22 -27.27
CA GLN C 156 31.85 7.32 -28.19
C GLN C 156 32.49 8.69 -28.02
N VAL C 157 31.64 9.70 -27.87
CA VAL C 157 32.13 11.06 -27.65
C VAL C 157 32.94 11.13 -26.36
N ARG C 158 32.43 10.49 -25.32
CA ARG C 158 33.10 10.44 -24.03
C ARG C 158 34.43 9.70 -24.12
N ALA C 159 34.49 8.57 -24.83
CA ALA C 159 35.73 7.81 -24.93
C ALA C 159 36.80 8.64 -25.61
N GLU C 160 36.35 9.60 -26.38
CA GLU C 160 37.24 10.41 -27.15
C GLU C 160 37.71 11.70 -26.52
N PHE C 161 36.83 12.39 -25.85
CA PHE C 161 37.19 13.64 -25.22
C PHE C 161 37.25 13.52 -23.72
N GLY C 162 36.81 12.37 -23.20
CA GLY C 162 36.75 12.13 -21.76
C GLY C 162 35.73 13.10 -21.17
N GLY C 163 35.77 13.41 -19.90
CA GLY C 163 34.77 14.37 -19.44
C GLY C 163 33.29 13.96 -19.49
N SER C 164 32.34 14.91 -19.51
CA SER C 164 30.87 14.66 -19.47
C SER C 164 30.08 14.91 -20.77
N VAL C 165 29.03 14.10 -21.08
CA VAL C 165 28.24 14.25 -22.30
C VAL C 165 26.75 14.21 -22.14
N LEU C 166 26.08 15.14 -22.83
CA LEU C 166 24.64 15.33 -22.83
C LEU C 166 24.08 15.20 -24.26
N CYS C 167 22.74 15.10 -24.41
CA CYS C 167 22.12 15.01 -25.71
C CYS C 167 21.26 16.24 -25.86
N ALA C 168 21.32 16.88 -27.02
CA ALA C 168 20.55 18.08 -27.28
C ALA C 168 19.70 17.95 -28.54
N VAL C 169 18.60 18.71 -28.61
CA VAL C 169 17.73 18.72 -29.77
C VAL C 169 17.43 20.19 -30.00
N GLU C 170 17.28 20.65 -31.23
CA GLU C 170 16.92 22.04 -31.43
C GLU C 170 15.43 22.20 -31.11
N VAL C 171 15.09 23.28 -30.40
CA VAL C 171 13.71 23.55 -30.00
C VAL C 171 13.26 24.97 -30.33
N SER C 172 11.94 25.17 -30.59
CA SER C 172 11.36 26.49 -30.91
C SER C 172 11.52 27.38 -29.68
N GLU C 173 11.34 28.67 -29.87
CA GLU C 173 11.37 29.63 -28.79
C GLU C 173 10.34 29.28 -27.74
N ALA C 174 9.22 28.74 -28.24
CA ALA C 174 8.09 28.33 -27.41
C ALA C 174 8.46 27.31 -26.35
N ASP C 175 9.35 26.39 -26.72
CA ASP C 175 9.76 25.33 -25.82
C ASP C 175 10.99 25.62 -24.96
N VAL C 176 11.64 26.74 -25.23
CA VAL C 176 12.88 27.13 -24.55
C VAL C 176 12.91 27.15 -23.03
N SER C 177 11.94 27.83 -22.47
CA SER C 177 11.82 28.00 -21.03
C SER C 177 11.47 26.75 -20.21
N LYS C 178 11.27 25.63 -20.91
CA LYS C 178 10.93 24.38 -20.24
C LYS C 178 12.15 23.50 -20.11
N TYR C 179 13.23 23.82 -20.79
CA TYR C 179 14.40 22.96 -20.75
C TYR C 179 15.71 23.57 -20.30
N GLY C 180 16.72 22.72 -20.19
CA GLY C 180 18.09 23.12 -19.88
C GLY C 180 18.66 23.49 -21.26
N ILE C 181 19.13 24.74 -21.44
CA ILE C 181 19.63 25.27 -22.71
C ILE C 181 21.14 25.46 -22.70
N PHE C 182 21.84 24.96 -23.72
CA PHE C 182 23.28 25.08 -23.75
C PHE C 182 23.83 26.37 -24.34
N GLU C 183 25.03 26.75 -23.88
CA GLU C 183 25.77 27.91 -24.35
C GLU C 183 26.91 27.28 -25.15
N ILE C 184 26.85 27.38 -26.49
CA ILE C 184 27.85 26.74 -27.37
C ILE C 184 29.23 27.37 -27.35
N GLU C 185 30.28 26.54 -27.31
CA GLU C 185 31.62 27.11 -27.33
C GLU C 185 32.18 27.09 -28.76
N ALA C 186 32.20 25.91 -29.35
CA ALA C 186 32.71 25.71 -30.67
C ALA C 186 32.20 24.44 -31.29
N ASP C 187 32.24 24.40 -32.61
CA ASP C 187 31.86 23.23 -33.36
C ASP C 187 33.08 22.32 -33.25
N THR C 188 32.93 21.01 -33.10
CA THR C 188 34.07 20.10 -33.01
C THR C 188 34.25 19.35 -34.30
N LYS C 189 35.22 18.45 -34.24
CA LYS C 189 35.61 17.56 -35.29
C LYS C 189 34.38 17.03 -36.03
N ASP C 190 33.37 16.53 -35.30
CA ASP C 190 32.11 15.99 -35.84
C ASP C 190 30.99 17.04 -35.91
N SER C 191 30.17 17.04 -36.97
CA SER C 191 29.08 17.99 -37.13
C SER C 191 28.03 17.94 -36.01
N ASP C 192 27.72 16.73 -35.51
CA ASP C 192 26.74 16.52 -34.45
C ASP C 192 27.24 16.78 -33.04
N VAL C 193 28.53 17.07 -32.88
CA VAL C 193 29.10 17.30 -31.58
C VAL C 193 29.59 18.71 -31.36
N LYS C 194 29.15 19.32 -30.29
CA LYS C 194 29.59 20.65 -29.97
C LYS C 194 30.15 20.63 -28.57
N LYS C 195 31.14 21.47 -28.30
CA LYS C 195 31.70 21.60 -26.96
C LYS C 195 30.88 22.74 -26.38
N VAL C 196 30.53 22.63 -25.11
CA VAL C 196 29.69 23.58 -24.44
C VAL C 196 30.43 24.48 -23.46
N LYS C 197 30.05 25.76 -23.39
CA LYS C 197 30.72 26.64 -22.43
C LYS C 197 29.82 27.04 -21.27
N GLY C 198 28.62 26.46 -21.20
CA GLY C 198 27.65 26.74 -20.13
C GLY C 198 26.27 26.13 -20.37
N MET C 199 25.47 26.05 -19.29
CA MET C 199 24.14 25.49 -19.29
C MET C 199 23.23 26.28 -18.35
N VAL C 200 22.04 26.64 -18.80
CA VAL C 200 21.11 27.38 -17.95
C VAL C 200 19.79 26.65 -17.96
N GLU C 201 19.22 26.49 -16.78
CA GLU C 201 17.97 25.77 -16.60
C GLU C 201 16.78 26.67 -16.79
N LYS C 202 15.94 26.32 -17.75
CA LYS C 202 14.70 27.02 -18.00
C LYS C 202 14.79 28.54 -18.11
N PRO C 203 15.56 29.05 -19.04
CA PRO C 203 15.64 30.49 -19.10
C PRO C 203 14.45 31.11 -19.78
N ALA C 204 14.26 32.41 -19.60
CA ALA C 204 13.18 33.08 -20.29
C ALA C 204 13.66 33.10 -21.74
N ILE C 205 12.79 33.34 -22.72
CA ILE C 205 13.22 33.37 -24.11
C ILE C 205 14.33 34.40 -24.31
N GLU C 206 14.19 35.58 -23.72
CA GLU C 206 15.20 36.62 -23.90
C GLU C 206 16.58 36.34 -23.34
N ASP C 207 16.61 35.35 -22.48
CA ASP C 207 17.81 34.98 -21.76
C ASP C 207 18.49 33.73 -22.26
N ALA C 208 17.76 32.99 -23.08
CA ALA C 208 18.30 31.74 -23.59
C ALA C 208 19.49 31.95 -24.54
N PRO C 209 20.65 31.38 -24.21
CA PRO C 209 21.86 31.48 -25.00
C PRO C 209 21.86 30.65 -26.30
N SER C 210 20.83 29.86 -26.56
CA SER C 210 20.75 29.05 -27.78
C SER C 210 19.39 28.42 -27.95
N ARG C 211 19.21 27.61 -28.99
CA ARG C 211 17.94 26.95 -29.23
C ARG C 211 18.12 25.45 -29.04
N LEU C 212 19.25 25.05 -28.48
CA LEU C 212 19.59 23.66 -28.21
C LEU C 212 19.28 23.34 -26.76
N ALA C 213 18.26 22.48 -26.57
CA ALA C 213 17.79 22.07 -25.25
C ALA C 213 18.24 20.68 -24.87
N ALA C 214 18.44 20.50 -23.58
CA ALA C 214 18.86 19.25 -23.03
C ALA C 214 17.68 18.30 -22.95
N THR C 215 17.98 17.17 -23.55
CA THR C 215 17.14 16.03 -23.62
C THR C 215 17.53 15.28 -22.34
N GLY C 216 16.69 14.43 -21.80
CA GLY C 216 17.04 13.75 -20.58
C GLY C 216 17.94 12.55 -20.81
N ARG C 217 19.13 12.82 -21.29
CA ARG C 217 20.12 11.79 -21.57
C ARG C 217 21.48 12.33 -21.15
N TYR C 218 22.08 11.68 -20.19
CA TYR C 218 23.34 12.14 -19.68
C TYR C 218 24.33 11.02 -19.38
N LEU C 219 25.57 11.28 -19.70
CA LEU C 219 26.67 10.40 -19.38
C LEU C 219 27.55 11.34 -18.61
N LEU C 220 27.45 11.30 -17.29
CA LEU C 220 28.21 12.21 -16.43
C LEU C 220 29.41 11.59 -15.72
N ASP C 221 30.47 12.37 -15.57
CA ASP C 221 31.64 11.88 -14.89
C ASP C 221 31.29 11.83 -13.41
N ARG C 222 31.81 10.85 -12.68
CA ARG C 222 31.50 10.73 -11.27
C ARG C 222 31.75 11.97 -10.44
N LYS C 223 32.38 12.97 -11.07
CA LYS C 223 32.68 14.25 -10.42
C LYS C 223 31.40 15.07 -10.20
N ILE C 224 30.25 14.70 -10.84
CA ILE C 224 29.01 15.46 -10.60
C ILE C 224 28.61 15.29 -9.13
N PHE C 225 28.88 14.14 -8.52
CA PHE C 225 28.46 13.92 -7.14
C PHE C 225 29.01 14.98 -6.23
N ASP C 226 30.31 15.24 -6.44
CA ASP C 226 31.06 16.26 -5.74
C ASP C 226 30.35 17.61 -6.03
N ALA C 227 30.20 17.91 -7.33
CA ALA C 227 29.57 19.12 -7.78
C ALA C 227 28.17 19.33 -7.29
N LEU C 228 27.41 18.25 -7.28
CA LEU C 228 26.03 18.27 -6.79
C LEU C 228 25.91 18.65 -5.31
N ARG C 229 27.01 18.51 -4.56
CA ARG C 229 26.99 18.85 -3.14
C ARG C 229 27.33 20.31 -2.90
N ARG C 230 27.78 21.01 -3.93
CA ARG C 230 28.14 22.39 -3.79
C ARG C 230 27.15 23.41 -4.37
N ILE C 231 26.20 22.93 -5.18
CA ILE C 231 25.19 23.81 -5.75
C ILE C 231 24.19 24.18 -4.64
N THR C 232 23.46 25.28 -4.86
CA THR C 232 22.40 25.77 -3.97
C THR C 232 21.12 25.68 -4.83
N PRO C 233 19.93 25.87 -4.25
CA PRO C 233 18.70 25.80 -5.04
C PRO C 233 18.66 26.78 -6.23
N GLY C 234 17.97 26.39 -7.33
CA GLY C 234 17.87 27.23 -8.52
C GLY C 234 16.43 27.43 -8.92
N ALA C 235 16.13 27.28 -10.22
CA ALA C 235 14.78 27.42 -10.73
C ALA C 235 13.87 26.51 -9.93
N GLY C 236 12.76 27.05 -9.45
CA GLY C 236 11.80 26.27 -8.68
C GLY C 236 12.17 26.04 -7.21
N GLY C 237 13.36 26.54 -6.81
CA GLY C 237 13.89 26.36 -5.48
C GLY C 237 14.37 24.92 -5.41
N GLU C 238 14.64 24.33 -6.57
CA GLU C 238 15.06 22.95 -6.64
C GLU C 238 16.53 22.88 -6.87
N LEU C 239 17.14 21.74 -6.51
CA LEU C 239 18.56 21.53 -6.71
C LEU C 239 18.70 20.90 -8.11
N GLN C 240 19.00 21.76 -9.08
CA GLN C 240 19.12 21.40 -10.49
C GLN C 240 20.37 20.68 -10.96
N LEU C 241 20.23 19.59 -11.73
CA LEU C 241 21.40 18.85 -12.21
C LEU C 241 22.17 19.76 -13.13
N THR C 242 21.42 20.49 -13.93
CA THR C 242 21.98 21.47 -14.83
C THR C 242 22.93 22.41 -14.08
N ASP C 243 22.54 22.90 -12.89
CA ASP C 243 23.38 23.80 -12.12
C ASP C 243 24.72 23.20 -11.72
N ALA C 244 24.75 21.90 -11.46
CA ALA C 244 25.98 21.21 -11.10
C ALA C 244 26.85 21.06 -12.31
N ILE C 245 26.26 20.69 -13.46
CA ILE C 245 27.00 20.55 -14.71
C ILE C 245 27.55 21.93 -15.00
N ASP C 246 26.72 22.96 -14.96
CA ASP C 246 27.26 24.28 -15.22
C ASP C 246 28.44 24.59 -14.35
N LEU C 247 28.45 24.06 -13.13
CA LEU C 247 29.52 24.31 -12.16
C LEU C 247 30.82 23.65 -12.60
N LEU C 248 30.73 22.40 -13.05
CA LEU C 248 31.87 21.62 -13.51
C LEU C 248 32.47 22.33 -14.75
N ILE C 249 31.60 22.75 -15.68
CA ILE C 249 32.02 23.43 -16.89
C ILE C 249 32.91 24.60 -16.51
N ASP C 250 32.47 25.36 -15.51
CA ASP C 250 33.18 26.53 -15.04
C ASP C 250 34.49 26.21 -14.36
N GLU C 251 34.61 24.99 -13.88
CA GLU C 251 35.81 24.55 -13.23
C GLU C 251 36.66 23.82 -14.24
N GLY C 252 36.36 24.07 -15.50
CA GLY C 252 37.10 23.50 -16.62
C GLY C 252 36.92 22.03 -17.00
N HIS C 253 35.86 21.40 -16.52
CA HIS C 253 35.55 20.01 -16.87
C HIS C 253 35.06 19.99 -18.32
N PRO C 254 35.47 19.05 -19.17
CA PRO C 254 35.02 19.10 -20.54
C PRO C 254 33.61 18.57 -20.75
N VAL C 255 32.71 19.39 -21.32
CA VAL C 255 31.33 18.98 -21.59
C VAL C 255 30.96 19.10 -23.05
N HIS C 256 30.52 18.02 -23.64
CA HIS C 256 30.11 18.00 -25.04
C HIS C 256 28.63 17.61 -25.17
N ILE C 257 28.00 17.95 -26.29
CA ILE C 257 26.64 17.59 -26.53
C ILE C 257 26.55 16.92 -27.87
N VAL C 258 25.76 15.86 -27.94
CA VAL C 258 25.44 15.18 -29.18
C VAL C 258 24.11 15.79 -29.59
N ILE C 259 24.02 16.39 -30.76
CA ILE C 259 22.78 16.98 -31.20
C ILE C 259 21.97 15.94 -31.93
N HIS C 260 20.80 15.55 -31.39
CA HIS C 260 19.89 14.58 -31.97
C HIS C 260 19.10 15.24 -33.08
N GLN C 261 19.08 14.63 -34.25
CA GLN C 261 18.39 15.21 -35.38
C GLN C 261 16.98 14.69 -35.49
N GLY C 262 16.81 13.43 -35.15
CA GLY C 262 15.55 12.72 -35.20
C GLY C 262 14.41 13.22 -34.32
N LYS C 263 13.40 12.36 -34.20
CA LYS C 263 12.21 12.66 -33.41
C LYS C 263 12.53 12.65 -31.93
N ARG C 264 11.81 13.49 -31.20
CA ARG C 264 12.00 13.53 -29.78
C ARG C 264 10.63 13.84 -29.16
N HIS C 265 10.18 13.08 -28.15
CA HIS C 265 8.91 13.36 -27.52
C HIS C 265 9.13 13.55 -26.05
N ASP C 266 8.65 14.70 -25.55
CA ASP C 266 8.72 15.04 -24.14
C ASP C 266 7.39 14.58 -23.54
N LEU C 267 7.36 13.49 -22.77
CA LEU C 267 6.11 12.97 -22.18
C LEU C 267 5.79 13.61 -20.85
N GLY C 268 6.58 14.57 -20.49
CA GLY C 268 6.49 15.17 -19.20
C GLY C 268 5.34 16.04 -18.82
N ASN C 269 4.61 16.46 -19.84
CA ASN C 269 3.47 17.32 -19.66
C ASN C 269 2.42 17.02 -20.73
N PRO C 270 1.12 17.34 -20.53
CA PRO C 270 0.08 17.02 -21.52
C PRO C 270 0.38 17.46 -22.96
N GLY C 271 0.90 18.67 -23.10
CA GLY C 271 1.25 19.28 -24.36
C GLY C 271 2.17 18.40 -25.19
N GLY C 272 3.05 17.69 -24.52
CA GLY C 272 3.95 16.83 -25.24
C GLY C 272 3.51 15.37 -25.18
N TYR C 273 2.84 14.97 -24.09
CA TYR C 273 2.35 13.61 -23.95
C TYR C 273 1.28 13.25 -24.98
N ILE C 274 0.29 14.15 -25.19
CA ILE C 274 -0.78 13.88 -26.14
C ILE C 274 -0.24 13.56 -27.53
N PRO C 275 0.57 14.42 -28.08
CA PRO C 275 1.12 14.16 -29.38
C PRO C 275 1.97 12.92 -29.44
N ALA C 276 2.64 12.52 -28.36
CA ALA C 276 3.43 11.30 -28.39
C ALA C 276 2.49 10.14 -28.56
N CYS C 277 1.38 10.18 -27.80
CA CYS C 277 0.35 9.17 -27.89
C CYS C 277 -0.20 9.11 -29.32
N VAL C 278 -0.59 10.26 -29.89
CA VAL C 278 -1.04 10.32 -31.25
C VAL C 278 -0.03 9.73 -32.21
N ASP C 279 1.23 10.16 -32.10
CA ASP C 279 2.31 9.68 -32.96
C ASP C 279 2.50 8.16 -32.91
N PHE C 280 2.57 7.53 -31.73
CA PHE C 280 2.72 6.09 -31.64
C PHE C 280 1.42 5.42 -32.00
N GLY C 281 0.29 6.04 -31.62
CA GLY C 281 -1.02 5.50 -31.92
C GLY C 281 -1.24 5.35 -33.41
N LEU C 282 -0.85 6.34 -34.21
CA LEU C 282 -1.05 6.23 -35.65
C LEU C 282 -0.31 5.05 -36.26
N SER C 283 0.80 4.66 -35.65
CA SER C 283 1.60 3.57 -36.16
C SER C 283 1.13 2.22 -35.65
N HIS C 284 0.17 2.24 -34.75
CA HIS C 284 -0.33 1.03 -34.13
C HIS C 284 -1.19 0.20 -35.08
N PRO C 285 -0.89 -1.09 -35.22
CA PRO C 285 -1.65 -1.96 -36.11
C PRO C 285 -3.13 -2.04 -35.83
N VAL C 286 -3.49 -2.02 -34.56
CA VAL C 286 -4.89 -2.11 -34.18
C VAL C 286 -5.59 -0.76 -34.21
N TYR C 287 -4.98 0.25 -33.61
CA TYR C 287 -5.60 1.55 -33.50
C TYR C 287 -5.38 2.60 -34.59
N GLY C 288 -4.33 2.41 -35.35
CA GLY C 288 -3.93 3.34 -36.41
C GLY C 288 -5.01 4.03 -37.23
N ALA C 289 -5.61 3.24 -38.07
CA ALA C 289 -6.62 3.76 -38.95
C ALA C 289 -7.74 4.53 -38.27
N GLN C 290 -8.32 3.95 -37.23
CA GLN C 290 -9.42 4.59 -36.57
C GLN C 290 -8.98 5.86 -35.87
N LEU C 291 -7.76 5.89 -35.38
CA LEU C 291 -7.27 7.09 -34.71
C LEU C 291 -7.19 8.22 -35.71
N LYS C 292 -6.64 7.92 -36.90
CA LYS C 292 -6.46 8.89 -37.96
C LYS C 292 -7.77 9.60 -38.28
N ASP C 293 -8.80 8.81 -38.52
CA ASP C 293 -10.11 9.34 -38.84
C ASP C 293 -10.72 10.13 -37.70
N ALA C 294 -10.60 9.57 -36.49
CA ALA C 294 -11.15 10.21 -35.30
C ALA C 294 -10.54 11.55 -35.04
N ILE C 295 -9.21 11.62 -35.16
CA ILE C 295 -8.50 12.85 -34.90
C ILE C 295 -8.74 13.91 -35.99
N LYS C 296 -8.88 13.45 -37.25
CA LYS C 296 -9.17 14.36 -38.35
C LYS C 296 -10.52 15.04 -38.07
N GLN C 297 -11.50 14.20 -37.76
CA GLN C 297 -12.85 14.61 -37.45
C GLN C 297 -12.88 15.62 -36.31
N ILE C 298 -12.14 15.34 -35.23
CA ILE C 298 -12.06 16.21 -34.07
C ILE C 298 -11.45 17.57 -34.47
N LEU C 299 -10.38 17.55 -35.28
CA LEU C 299 -9.73 18.77 -35.72
C LEU C 299 -10.72 19.65 -36.47
N ALA C 300 -11.46 19.01 -37.38
CA ALA C 300 -12.49 19.61 -38.23
C ALA C 300 -13.66 20.15 -37.41
N GLU C 301 -14.07 19.40 -36.40
CA GLU C 301 -15.13 19.86 -35.54
C GLU C 301 -14.64 21.13 -34.83
N HIS C 302 -13.38 21.14 -34.36
CA HIS C 302 -12.86 22.31 -33.68
C HIS C 302 -12.86 23.55 -34.58
N GLU C 303 -12.48 23.36 -35.86
CA GLU C 303 -12.44 24.42 -36.86
C GLU C 303 -13.84 25.05 -36.91
N ALA C 304 -14.87 24.23 -37.21
CA ALA C 304 -16.24 24.72 -37.29
C ALA C 304 -16.67 25.45 -36.02
N ALA C 305 -16.43 24.83 -34.87
CA ALA C 305 -16.81 25.43 -33.62
C ALA C 305 -16.21 26.81 -33.46
N GLU C 306 -14.95 26.95 -33.81
CA GLU C 306 -14.25 28.21 -33.67
C GLU C 306 -14.78 29.30 -34.57
N ARG C 307 -15.48 28.89 -35.62
CA ARG C 307 -16.04 29.85 -36.54
C ARG C 307 -17.44 30.18 -36.00
N ILE C 308 -18.27 29.14 -35.85
CA ILE C 308 -19.63 29.24 -35.35
C ILE C 308 -19.65 29.96 -34.00
N ALA D 11 15.38 22.60 25.09
CA ALA D 11 16.40 22.52 24.07
C ALA D 11 15.98 21.68 22.86
N VAL D 12 16.02 20.36 23.03
CA VAL D 12 15.67 19.41 21.98
C VAL D 12 14.40 19.76 21.25
N LYS D 13 14.50 19.71 19.92
CA LYS D 13 13.37 20.01 19.02
C LYS D 13 12.93 18.75 18.29
N THR D 14 13.94 18.01 17.81
CA THR D 14 13.76 16.77 17.08
C THR D 14 14.38 15.57 17.77
N VAL D 15 13.66 14.46 17.78
CA VAL D 15 14.15 13.22 18.36
C VAL D 15 14.20 12.19 17.23
N VAL D 16 15.35 11.53 17.04
CA VAL D 16 15.57 10.52 15.99
C VAL D 16 15.09 9.17 16.45
N VAL D 17 14.14 8.57 15.76
CA VAL D 17 13.65 7.25 16.16
C VAL D 17 13.93 6.25 15.05
N PRO D 18 15.01 5.52 15.17
CA PRO D 18 15.30 4.57 14.13
C PRO D 18 14.30 3.44 14.20
N ALA D 19 13.66 3.12 13.06
CA ALA D 19 12.66 2.07 13.05
C ALA D 19 12.58 1.34 11.71
N ALA D 20 13.70 1.30 11.03
CA ALA D 20 13.78 0.71 9.72
C ALA D 20 14.36 -0.66 9.65
N GLY D 21 14.56 -1.27 10.79
CA GLY D 21 15.17 -2.59 10.84
C GLY D 21 14.28 -3.73 10.38
N LEU D 22 14.82 -4.95 10.33
CA LEU D 22 14.09 -6.13 9.89
C LEU D 22 13.31 -6.92 10.95
N GLY D 23 13.65 -6.69 12.23
CA GLY D 23 13.06 -7.38 13.38
C GLY D 23 13.14 -8.91 13.28
N THR D 24 14.26 -9.45 12.81
CA THR D 24 14.40 -10.89 12.64
C THR D 24 14.09 -11.77 13.86
N ARG D 25 14.18 -11.25 15.08
CA ARG D 25 13.92 -12.07 16.25
C ARG D 25 12.46 -12.42 16.48
N PHE D 26 11.63 -11.71 15.77
CA PHE D 26 10.22 -11.88 15.85
C PHE D 26 9.67 -12.53 14.59
N LEU D 27 10.55 -12.98 13.72
CA LEU D 27 10.07 -13.64 12.52
C LEU D 27 9.49 -14.96 12.92
N PRO D 28 8.46 -15.45 12.24
CA PRO D 28 7.85 -14.87 11.05
C PRO D 28 6.86 -13.72 11.17
N ALA D 29 6.46 -13.33 12.38
CA ALA D 29 5.50 -12.24 12.55
C ALA D 29 5.90 -10.92 11.92
N THR D 30 7.17 -10.60 12.03
CA THR D 30 7.72 -9.37 11.49
C THR D 30 7.91 -9.40 9.99
N LYS D 31 7.37 -10.43 9.37
CA LYS D 31 7.45 -10.50 7.95
C LYS D 31 6.67 -9.29 7.42
N THR D 32 5.52 -8.96 8.04
CA THR D 32 4.73 -7.80 7.60
C THR D 32 4.51 -6.81 8.74
N VAL D 33 4.67 -7.25 9.98
CA VAL D 33 4.46 -6.39 11.14
C VAL D 33 5.75 -5.77 11.64
N PRO D 34 5.79 -4.45 11.81
CA PRO D 34 6.97 -3.83 12.35
C PRO D 34 7.02 -4.14 13.86
N LYS D 35 8.18 -4.59 14.37
CA LYS D 35 8.35 -4.89 15.77
C LYS D 35 8.07 -3.64 16.60
N GLU D 36 8.29 -2.48 16.01
CA GLU D 36 8.08 -1.22 16.69
C GLU D 36 6.61 -0.96 16.94
N LEU D 37 5.75 -1.78 16.33
CA LEU D 37 4.32 -1.62 16.50
C LEU D 37 3.64 -2.66 17.37
N LEU D 38 4.39 -3.63 17.87
CA LEU D 38 3.80 -4.65 18.72
C LEU D 38 3.27 -3.98 19.98
N PRO D 39 2.11 -4.42 20.44
CA PRO D 39 1.51 -3.82 21.60
C PRO D 39 2.12 -4.22 22.92
N VAL D 40 2.36 -3.26 23.80
CA VAL D 40 2.85 -3.53 25.15
C VAL D 40 1.50 -3.46 25.86
N VAL D 41 0.80 -4.61 25.87
CA VAL D 41 -0.55 -4.70 26.36
C VAL D 41 -1.37 -4.25 25.15
N ASP D 42 -1.45 -2.94 24.91
CA ASP D 42 -2.18 -2.43 23.75
C ASP D 42 -1.45 -1.32 23.01
N THR D 43 -0.36 -0.81 23.58
CA THR D 43 0.37 0.30 22.98
C THR D 43 1.76 0.00 22.44
N PRO D 44 2.03 0.34 21.18
CA PRO D 44 3.32 0.12 20.54
C PRO D 44 4.50 0.85 21.20
N GLY D 45 5.68 0.25 21.15
CA GLY D 45 6.84 0.89 21.74
C GLY D 45 7.10 2.27 21.11
N ILE D 46 6.87 2.41 19.81
CA ILE D 46 7.09 3.70 19.13
C ILE D 46 6.21 4.82 19.64
N GLU D 47 5.04 4.41 20.09
CA GLU D 47 4.09 5.34 20.65
C GLU D 47 4.58 5.67 22.06
N LEU D 48 5.11 4.67 22.77
CA LEU D 48 5.64 4.91 24.11
C LEU D 48 6.85 5.85 23.99
N ILE D 49 7.70 5.66 22.95
CA ILE D 49 8.84 6.55 22.76
C ILE D 49 8.31 7.94 22.39
N ALA D 50 7.24 8.05 21.58
CA ALA D 50 6.67 9.35 21.18
C ALA D 50 6.22 10.26 22.31
N ALA D 51 5.63 9.70 23.35
CA ALA D 51 5.21 10.50 24.47
C ALA D 51 6.41 10.84 25.34
N GLU D 52 7.43 9.97 25.41
CA GLU D 52 8.65 10.25 26.18
C GLU D 52 9.32 11.42 25.46
N ALA D 53 9.25 11.42 24.15
CA ALA D 53 9.82 12.51 23.37
C ALA D 53 9.08 13.80 23.67
N ALA D 54 7.74 13.77 23.59
CA ALA D 54 6.89 14.92 23.83
C ALA D 54 7.11 15.51 25.22
N GLU D 55 7.31 14.64 26.21
CA GLU D 55 7.50 14.98 27.62
C GLU D 55 8.73 15.86 27.80
N LEU D 56 9.71 15.58 26.95
CA LEU D 56 11.01 16.25 26.90
C LEU D 56 10.97 17.57 26.15
N GLY D 57 9.97 17.84 25.34
CA GLY D 57 9.94 19.13 24.67
C GLY D 57 9.90 19.08 23.14
N ALA D 58 10.47 18.00 22.64
CA ALA D 58 10.56 17.76 21.22
C ALA D 58 9.20 17.97 20.57
N THR D 59 9.24 18.53 19.38
CA THR D 59 8.05 18.80 18.64
C THR D 59 8.02 18.04 17.34
N ARG D 60 9.12 17.34 17.08
CA ARG D 60 9.29 16.54 15.88
C ARG D 60 9.91 15.19 16.17
N LEU D 61 9.48 14.21 15.43
CA LEU D 61 9.98 12.86 15.56
C LEU D 61 10.49 12.41 14.16
N ALA D 62 11.80 12.30 14.03
CA ALA D 62 12.40 11.88 12.77
C ALA D 62 12.50 10.38 12.81
N ILE D 63 11.47 9.77 12.25
CA ILE D 63 11.38 8.34 12.22
C ILE D 63 12.09 7.74 11.04
N ILE D 64 13.13 6.98 11.33
CA ILE D 64 13.81 6.34 10.24
C ILE D 64 12.98 5.12 9.87
N THR D 65 12.48 5.02 8.62
CA THR D 65 11.67 3.87 8.19
C THR D 65 12.17 3.15 6.98
N ALA D 66 11.52 2.03 6.66
CA ALA D 66 11.85 1.26 5.48
C ALA D 66 10.67 1.25 4.53
N PRO D 67 10.89 1.04 3.24
CA PRO D 67 9.84 1.00 2.22
C PRO D 67 8.66 0.04 2.54
N ASN D 68 8.97 -1.09 3.16
CA ASN D 68 7.97 -2.09 3.51
C ASN D 68 7.39 -2.04 4.93
N LYS D 69 7.51 -0.89 5.57
CA LYS D 69 7.02 -0.69 6.91
C LYS D 69 6.16 0.56 6.95
N ALA D 70 5.30 0.64 5.94
CA ALA D 70 4.41 1.76 5.80
C ALA D 70 3.62 2.02 7.08
N GLY D 71 3.31 0.94 7.78
CA GLY D 71 2.56 1.02 9.03
C GLY D 71 3.20 1.92 10.08
N VAL D 72 4.51 1.91 10.15
CA VAL D 72 5.17 2.73 11.13
C VAL D 72 4.68 4.18 11.12
N LEU D 73 4.80 4.83 9.98
CA LEU D 73 4.39 6.23 9.82
C LEU D 73 2.89 6.34 9.86
N ALA D 74 2.22 5.38 9.22
CA ALA D 74 0.79 5.39 9.19
C ALA D 74 0.19 5.48 10.58
N HIS D 75 0.85 4.89 11.56
CA HIS D 75 0.40 4.91 12.94
C HIS D 75 0.25 6.34 13.49
N PHE D 76 1.08 7.24 12.96
CA PHE D 76 1.09 8.64 13.34
C PHE D 76 0.29 9.52 12.39
N GLU D 77 -0.38 8.88 11.41
CA GLU D 77 -1.22 9.53 10.41
C GLU D 77 -2.70 9.27 10.75
N ARG D 78 -3.64 9.90 10.02
CA ARG D 78 -5.06 9.72 10.29
C ARG D 78 -5.68 8.51 9.63
N SER D 79 -6.54 7.85 10.38
CA SER D 79 -7.26 6.71 9.89
C SER D 79 -8.71 7.17 9.75
N SER D 80 -8.99 7.86 8.64
CA SER D 80 -10.31 8.38 8.30
C SER D 80 -11.20 7.18 8.03
N GLU D 81 -10.72 6.33 7.14
CA GLU D 81 -11.38 5.08 6.82
C GLU D 81 -11.79 4.44 8.17
N LEU D 82 -10.80 4.09 9.05
CA LEU D 82 -11.00 3.44 10.35
C LEU D 82 -11.77 4.25 11.37
N GLU D 83 -11.63 5.57 11.31
CA GLU D 83 -12.32 6.45 12.24
C GLU D 83 -13.82 6.49 11.92
N GLU D 84 -14.13 6.42 10.63
CA GLU D 84 -15.51 6.45 10.18
C GLU D 84 -16.21 5.16 10.57
N THR D 85 -15.43 4.14 10.86
CA THR D 85 -16.01 2.85 11.21
C THR D 85 -16.21 2.69 12.70
N LEU D 86 -15.39 3.39 13.47
CA LEU D 86 -15.41 3.31 14.91
C LEU D 86 -16.54 4.04 15.66
N MET D 87 -16.72 5.32 15.35
CA MET D 87 -17.75 6.13 16.01
C MET D 87 -19.12 5.46 15.89
N GLU D 88 -19.37 4.91 14.70
CA GLU D 88 -20.62 4.22 14.38
C GLU D 88 -21.09 3.34 15.54
N ARG D 89 -20.15 2.71 16.21
CA ARG D 89 -20.48 1.87 17.33
C ARG D 89 -19.98 2.59 18.57
N ASP D 93 -14.42 6.85 21.85
CA ASP D 93 -13.69 6.38 23.02
C ASP D 93 -12.51 5.48 22.64
N GLN D 94 -12.49 5.13 21.35
CA GLN D 94 -11.47 4.33 20.71
C GLN D 94 -10.88 5.22 19.64
N VAL D 95 -11.69 6.17 19.14
CA VAL D 95 -11.24 7.14 18.16
C VAL D 95 -10.30 8.04 18.97
N GLU D 96 -10.59 8.20 20.27
CA GLU D 96 -9.73 9.00 21.13
C GLU D 96 -8.34 8.32 20.99
N ILE D 97 -8.25 7.09 21.53
CA ILE D 97 -7.08 6.21 21.52
C ILE D 97 -6.26 6.25 20.22
N ILE D 98 -6.89 6.15 19.04
CA ILE D 98 -6.15 6.13 17.79
C ILE D 98 -5.64 7.45 17.27
N ARG D 99 -6.08 8.54 17.87
CA ARG D 99 -5.61 9.82 17.39
C ARG D 99 -4.45 10.29 18.24
N ARG D 100 -4.21 9.56 19.32
CA ARG D 100 -3.18 9.83 20.31
C ARG D 100 -1.78 10.11 19.85
N ALA D 101 -1.15 9.13 19.26
CA ALA D 101 0.20 9.24 18.80
C ALA D 101 0.41 10.42 17.86
N ALA D 102 -0.52 10.58 16.92
CA ALA D 102 -0.44 11.68 15.97
C ALA D 102 -0.56 13.05 16.63
N ASP D 103 -1.29 13.14 17.74
CA ASP D 103 -1.45 14.40 18.43
C ASP D 103 -0.32 14.72 19.40
N LEU D 104 0.45 13.69 19.80
CA LEU D 104 1.57 13.84 20.74
C LEU D 104 2.74 14.58 20.11
N ILE D 105 3.05 14.27 18.85
CA ILE D 105 4.18 14.88 18.16
C ILE D 105 4.09 14.69 16.65
N LYS D 106 4.85 15.51 15.94
CA LYS D 106 4.88 15.52 14.48
C LYS D 106 5.88 14.53 13.94
N ALA D 107 5.41 13.48 13.27
CA ALA D 107 6.27 12.48 12.69
C ALA D 107 6.79 12.93 11.33
N VAL D 108 8.11 12.82 11.15
CA VAL D 108 8.76 13.15 9.89
C VAL D 108 9.45 11.85 9.45
N PRO D 109 9.01 11.29 8.34
CA PRO D 109 9.56 10.06 7.83
C PRO D 109 10.90 10.29 7.12
N VAL D 110 11.88 9.42 7.34
CA VAL D 110 13.18 9.50 6.70
C VAL D 110 13.44 8.09 6.22
N THR D 111 13.44 7.86 4.94
CA THR D 111 13.61 6.51 4.49
C THR D 111 15.04 6.03 4.41
N GLN D 112 15.23 4.81 4.86
CA GLN D 112 16.50 4.11 4.81
C GLN D 112 16.12 2.88 4.02
N ASP D 113 16.50 2.86 2.75
CA ASP D 113 16.17 1.80 1.81
C ASP D 113 16.57 0.41 2.22
N LYS D 114 17.78 0.26 2.74
CA LYS D 114 18.33 -1.01 3.16
C LYS D 114 18.75 -0.87 4.63
N PRO D 115 18.67 -1.89 5.46
CA PRO D 115 19.04 -1.68 6.85
C PRO D 115 20.53 -1.91 7.07
N LEU D 116 21.32 -0.89 6.71
CA LEU D 116 22.77 -0.90 6.80
C LEU D 116 23.35 -0.68 8.17
N GLY D 117 22.47 -0.41 9.14
CA GLY D 117 22.90 -0.19 10.50
C GLY D 117 22.27 0.98 11.23
N LEU D 118 22.29 0.89 12.56
CA LEU D 118 21.76 1.90 13.45
C LEU D 118 22.47 3.22 13.18
N GLY D 119 23.79 3.11 13.07
CA GLY D 119 24.66 4.25 12.82
C GLY D 119 24.30 4.87 11.49
N HIS D 120 24.18 4.05 10.44
CA HIS D 120 23.71 4.53 9.15
C HIS D 120 22.35 5.18 9.26
N ALA D 121 21.43 4.53 9.97
CA ALA D 121 20.10 5.09 10.15
C ALA D 121 20.16 6.46 10.79
N VAL D 122 20.91 6.61 11.85
CA VAL D 122 21.02 7.88 12.49
C VAL D 122 21.59 8.97 11.57
N GLY D 123 22.52 8.59 10.72
CA GLY D 123 23.16 9.50 9.79
C GLY D 123 22.19 10.16 8.84
N LEU D 124 21.17 9.41 8.42
CA LEU D 124 20.14 9.87 7.48
C LEU D 124 19.35 11.06 8.00
N ALA D 125 19.37 11.24 9.31
CA ALA D 125 18.60 12.34 9.89
C ALA D 125 19.30 13.66 9.78
N GLU D 126 20.61 13.62 9.54
CA GLU D 126 21.35 14.86 9.46
C GLU D 126 20.65 15.94 8.68
N SER D 127 20.30 15.63 7.45
CA SER D 127 19.66 16.61 6.58
C SER D 127 18.29 17.06 7.04
N VAL D 128 17.75 16.37 8.02
CA VAL D 128 16.40 16.66 8.51
C VAL D 128 16.27 17.58 9.71
N LEU D 129 17.32 17.60 10.51
CA LEU D 129 17.39 18.43 11.70
C LEU D 129 17.54 19.89 11.26
N ASP D 130 16.89 20.81 11.97
CA ASP D 130 16.98 22.22 11.68
C ASP D 130 18.42 22.65 11.91
N ASP D 131 18.84 23.70 11.22
CA ASP D 131 20.17 24.24 11.31
C ASP D 131 20.52 24.79 12.70
N ASP D 132 19.51 25.33 13.39
CA ASP D 132 19.69 25.88 14.74
C ASP D 132 19.83 24.80 15.83
N GLU D 133 19.62 23.54 15.45
CA GLU D 133 19.66 22.39 16.36
C GLU D 133 21.09 21.96 16.63
N ASP D 134 21.42 21.78 17.93
CA ASP D 134 22.78 21.45 18.36
C ASP D 134 23.03 20.13 19.08
N VAL D 135 21.98 19.32 19.18
CA VAL D 135 22.04 18.00 19.80
C VAL D 135 21.29 17.08 18.88
N VAL D 136 21.72 15.83 18.88
CA VAL D 136 21.08 14.80 18.13
C VAL D 136 20.51 13.87 19.21
N ALA D 137 19.22 13.98 19.52
CA ALA D 137 18.55 13.14 20.50
C ALA D 137 18.03 11.88 19.77
N VAL D 138 18.49 10.69 20.18
CA VAL D 138 18.09 9.42 19.59
C VAL D 138 17.39 8.53 20.63
N MET D 139 16.22 8.02 20.30
CA MET D 139 15.48 7.13 21.18
C MET D 139 15.06 5.93 20.37
N LEU D 140 15.60 4.78 20.74
CA LEU D 140 15.28 3.55 20.06
C LEU D 140 13.87 3.14 20.50
N PRO D 141 13.00 2.81 19.56
CA PRO D 141 11.63 2.52 19.92
C PRO D 141 11.29 1.12 20.46
N ASP D 142 12.31 0.29 20.65
CA ASP D 142 12.14 -1.06 21.18
C ASP D 142 12.82 -1.16 22.55
N ASP D 143 12.97 -0.02 23.23
CA ASP D 143 13.63 0.02 24.53
C ASP D 143 12.94 1.03 25.42
N LEU D 144 12.43 0.54 26.55
CA LEU D 144 11.73 1.40 27.48
C LEU D 144 12.55 1.70 28.73
N VAL D 145 12.67 2.97 29.12
CA VAL D 145 13.40 3.35 30.31
C VAL D 145 12.39 3.98 31.23
N LEU D 146 12.13 3.26 32.32
CA LEU D 146 11.09 3.71 33.23
C LEU D 146 11.47 4.09 34.65
N PRO D 147 10.87 5.19 35.17
CA PRO D 147 9.88 6.06 34.51
C PRO D 147 10.53 6.99 33.50
N THR D 148 9.74 7.53 32.58
CA THR D 148 10.30 8.41 31.60
C THR D 148 10.91 9.63 32.26
N GLY D 149 11.96 10.18 31.63
CA GLY D 149 12.63 11.35 32.15
C GLY D 149 14.16 11.23 32.17
N VAL D 150 14.75 10.09 31.77
CA VAL D 150 16.21 10.03 31.82
C VAL D 150 16.85 11.09 30.96
N MET D 151 16.16 11.42 29.89
CA MET D 151 16.69 12.38 28.97
C MET D 151 16.86 13.77 29.57
N GLU D 152 16.04 14.07 30.56
CA GLU D 152 16.09 15.36 31.23
C GLU D 152 17.39 15.43 32.03
N ARG D 153 17.71 14.26 32.60
CA ARG D 153 18.90 14.02 33.39
C ARG D 153 20.13 14.10 32.47
N MET D 154 20.09 13.31 31.42
CA MET D 154 21.17 13.28 30.48
C MET D 154 21.49 14.68 30.01
N ALA D 155 20.46 15.48 29.73
CA ALA D 155 20.62 16.85 29.25
C ALA D 155 21.36 17.75 30.20
N GLN D 156 21.28 17.40 31.49
CA GLN D 156 21.93 18.11 32.59
C GLN D 156 23.42 17.81 32.56
N VAL D 157 23.71 16.53 32.38
CA VAL D 157 25.09 16.07 32.29
C VAL D 157 25.74 16.80 31.11
N ARG D 158 25.00 17.01 30.02
CA ARG D 158 25.51 17.68 28.85
C ARG D 158 25.71 19.17 29.04
N ALA D 159 24.84 19.80 29.83
CA ALA D 159 24.90 21.24 30.08
C ALA D 159 26.16 21.52 30.90
N GLU D 160 26.51 20.54 31.71
CA GLU D 160 27.68 20.64 32.53
C GLU D 160 28.97 20.37 31.78
N PHE D 161 29.08 19.12 31.30
CA PHE D 161 30.24 18.59 30.62
C PHE D 161 30.37 18.77 29.13
N GLY D 162 29.25 19.15 28.50
CA GLY D 162 29.19 19.28 27.05
C GLY D 162 29.48 17.85 26.56
N GLY D 163 29.74 17.66 25.28
CA GLY D 163 30.04 16.30 24.86
C GLY D 163 28.82 15.48 24.50
N SER D 164 28.89 14.17 24.72
CA SER D 164 27.78 13.29 24.43
C SER D 164 27.43 12.40 25.64
N VAL D 165 26.12 12.19 25.90
CA VAL D 165 25.64 11.41 27.03
C VAL D 165 24.76 10.22 26.62
N LEU D 166 24.99 9.06 27.22
CA LEU D 166 24.22 7.86 26.93
C LEU D 166 23.60 7.30 28.23
N CYS D 167 22.57 6.46 28.12
CA CYS D 167 21.96 5.87 29.30
C CYS D 167 22.30 4.40 29.36
N ALA D 168 22.69 3.95 30.55
CA ALA D 168 23.08 2.56 30.74
C ALA D 168 22.33 1.97 31.89
N VAL D 169 22.42 0.67 32.01
CA VAL D 169 21.77 -0.04 33.08
C VAL D 169 22.62 -1.27 33.24
N GLU D 170 22.73 -1.80 34.45
CA GLU D 170 23.53 -2.99 34.65
C GLU D 170 22.78 -4.16 34.06
N VAL D 171 23.53 -5.13 33.55
CA VAL D 171 22.99 -6.31 32.90
C VAL D 171 23.82 -7.51 33.31
N SER D 172 23.57 -8.72 32.79
CA SER D 172 24.37 -9.87 33.23
C SER D 172 24.89 -10.76 32.12
N GLU D 173 26.12 -11.23 32.29
CA GLU D 173 26.83 -12.14 31.38
C GLU D 173 26.02 -12.85 30.29
N ALA D 174 24.88 -13.43 30.63
CA ALA D 174 24.10 -14.11 29.62
C ALA D 174 23.56 -13.07 28.63
N ASP D 175 23.28 -11.86 29.16
CA ASP D 175 22.73 -10.74 28.41
C ASP D 175 23.72 -9.65 28.04
N VAL D 176 25.00 -9.96 28.12
CA VAL D 176 25.99 -8.95 27.80
C VAL D 176 26.20 -8.75 26.30
N SER D 177 26.17 -9.86 25.58
CA SER D 177 26.39 -9.87 24.15
C SER D 177 25.29 -9.27 23.26
N LYS D 178 24.19 -8.80 23.84
CA LYS D 178 23.08 -8.22 23.09
C LYS D 178 23.16 -6.72 22.97
N TYR D 179 24.04 -6.12 23.78
CA TYR D 179 24.13 -4.68 23.83
C TYR D 179 25.47 -4.00 23.58
N GLY D 180 25.42 -2.66 23.59
CA GLY D 180 26.58 -1.81 23.46
C GLY D 180 27.02 -1.74 24.91
N ILE D 181 28.28 -2.13 25.22
CA ILE D 181 28.87 -2.18 26.56
C ILE D 181 29.94 -1.13 26.83
N PHE D 182 29.82 -0.42 27.93
CA PHE D 182 30.77 0.62 28.22
C PHE D 182 32.04 0.18 28.95
N GLU D 183 33.14 0.91 28.70
CA GLU D 183 34.44 0.75 29.32
C GLU D 183 34.51 1.99 30.18
N ILE D 184 34.40 1.80 31.50
CA ILE D 184 34.38 2.91 32.43
C ILE D 184 35.70 3.61 32.61
N GLU D 185 35.65 4.93 32.65
CA GLU D 185 36.90 5.62 32.80
C GLU D 185 37.11 6.13 34.22
N ALA D 186 36.12 6.85 34.72
CA ALA D 186 36.18 7.42 36.05
C ALA D 186 34.84 7.47 36.73
N ASP D 187 34.87 7.20 38.02
CA ASP D 187 33.63 7.28 38.74
C ASP D 187 33.41 8.77 38.69
N THR D 188 32.69 9.31 39.65
CA THR D 188 32.49 10.71 39.55
C THR D 188 31.75 11.14 40.77
N LYS D 189 31.45 12.41 40.68
CA LYS D 189 30.75 13.08 41.71
C LYS D 189 29.39 12.46 42.00
N ASP D 190 28.48 12.58 41.02
CA ASP D 190 27.13 12.05 41.07
C ASP D 190 27.24 10.53 41.00
N SER D 191 26.66 9.82 41.92
CA SER D 191 26.77 8.37 41.91
C SER D 191 26.31 7.72 40.61
N ASP D 192 25.43 8.41 39.89
CA ASP D 192 24.82 7.86 38.69
C ASP D 192 25.37 8.35 37.35
N VAL D 193 26.44 9.13 37.40
CA VAL D 193 27.08 9.66 36.23
C VAL D 193 28.56 9.31 36.20
N LYS D 194 28.96 8.59 35.18
CA LYS D 194 30.33 8.14 35.01
C LYS D 194 30.85 8.61 33.67
N LYS D 195 32.19 8.77 33.56
CA LYS D 195 32.82 9.18 32.32
C LYS D 195 33.28 7.90 31.66
N VAL D 196 33.19 7.86 30.34
CA VAL D 196 33.53 6.67 29.61
C VAL D 196 34.74 6.86 28.71
N LYS D 197 35.55 5.81 28.59
CA LYS D 197 36.76 5.80 27.79
C LYS D 197 36.66 4.68 26.76
N GLY D 198 35.45 4.12 26.57
CA GLY D 198 35.28 3.04 25.61
C GLY D 198 33.85 2.52 25.52
N MET D 199 33.51 1.88 24.40
CA MET D 199 32.19 1.33 24.15
C MET D 199 32.30 0.35 23.02
N VAL D 200 31.86 -0.87 23.29
CA VAL D 200 31.93 -1.95 22.34
C VAL D 200 30.57 -2.56 22.09
N GLU D 201 30.31 -2.90 20.84
CA GLU D 201 29.05 -3.47 20.47
C GLU D 201 28.98 -4.98 20.50
N LYS D 202 28.03 -5.50 21.28
CA LYS D 202 27.78 -6.93 21.40
C LYS D 202 29.05 -7.74 21.63
N PRO D 203 29.81 -7.38 22.68
CA PRO D 203 31.02 -8.11 22.96
C PRO D 203 30.70 -9.46 23.56
N ALA D 204 31.52 -10.46 23.22
CA ALA D 204 31.36 -11.80 23.75
C ALA D 204 31.43 -11.58 25.28
N ILE D 205 30.89 -12.53 26.05
CA ILE D 205 30.86 -12.50 27.51
C ILE D 205 32.22 -12.21 28.15
N GLU D 206 33.27 -12.74 27.54
CA GLU D 206 34.64 -12.57 28.00
C GLU D 206 35.05 -11.11 28.00
N ASP D 207 34.92 -10.54 26.82
CA ASP D 207 35.33 -9.20 26.50
C ASP D 207 34.71 -7.98 27.10
N ALA D 208 33.52 -8.12 27.63
CA ALA D 208 32.81 -6.99 28.18
C ALA D 208 33.55 -6.16 29.21
N PRO D 209 33.96 -4.93 28.87
CA PRO D 209 34.66 -4.03 29.79
C PRO D 209 33.86 -3.66 31.04
N SER D 210 32.66 -4.24 31.16
CA SER D 210 31.77 -4.03 32.29
C SER D 210 30.50 -4.82 32.07
N ARG D 211 29.48 -4.44 32.83
CA ARG D 211 28.15 -5.00 32.75
C ARG D 211 27.22 -3.80 32.61
N LEU D 212 27.77 -2.68 32.17
CA LEU D 212 26.95 -1.51 31.97
C LEU D 212 26.67 -1.46 30.48
N ALA D 213 25.39 -1.67 30.12
CA ALA D 213 24.89 -1.73 28.75
C ALA D 213 24.12 -0.52 28.33
N ALA D 214 24.24 -0.16 27.08
CA ALA D 214 23.55 1.00 26.56
C ALA D 214 22.09 0.72 26.32
N THR D 215 21.24 1.62 26.78
CA THR D 215 19.85 1.44 26.45
C THR D 215 19.80 2.28 25.17
N GLY D 216 18.59 2.38 24.59
CA GLY D 216 18.32 3.15 23.40
C GLY D 216 18.03 4.61 23.72
N ARG D 217 18.94 5.28 24.42
CA ARG D 217 18.75 6.68 24.75
C ARG D 217 20.10 7.34 24.59
N TYR D 218 20.19 8.35 23.72
CA TYR D 218 21.41 9.08 23.48
C TYR D 218 21.16 10.57 23.28
N LEU D 219 22.12 11.38 23.66
CA LEU D 219 22.08 12.81 23.43
C LEU D 219 23.49 12.92 22.84
N LEU D 220 23.57 13.10 21.54
CA LEU D 220 24.85 13.14 20.90
C LEU D 220 25.18 14.48 20.27
N ASP D 221 26.45 14.84 20.30
CA ASP D 221 26.88 16.06 19.68
C ASP D 221 26.81 15.87 18.15
N ARG D 222 26.42 16.92 17.45
CA ARG D 222 26.34 16.84 16.00
C ARG D 222 27.59 16.27 15.33
N LYS D 223 28.69 16.15 16.09
CA LYS D 223 29.94 15.63 15.58
C LYS D 223 29.79 14.16 15.17
N ILE D 224 28.76 13.52 15.72
CA ILE D 224 28.49 12.12 15.44
C ILE D 224 28.31 11.89 13.94
N PHE D 225 27.89 12.91 13.25
CA PHE D 225 27.68 12.81 11.82
C PHE D 225 28.97 12.61 11.07
N ASP D 226 29.98 13.39 11.43
CA ASP D 226 31.30 13.29 10.83
C ASP D 226 31.91 11.96 11.22
N ALA D 227 31.73 11.56 12.47
CA ALA D 227 32.26 10.31 12.97
C ALA D 227 31.66 9.12 12.24
N LEU D 228 30.37 9.23 11.90
CA LEU D 228 29.67 8.18 11.20
C LEU D 228 30.23 8.01 9.79
N ARG D 229 30.75 9.09 9.23
CA ARG D 229 31.32 8.99 7.91
C ARG D 229 32.74 8.41 7.97
N ARG D 230 33.32 8.34 9.15
CA ARG D 230 34.66 7.79 9.24
C ARG D 230 34.68 6.31 9.58
N ILE D 231 33.62 5.76 10.17
CA ILE D 231 33.64 4.34 10.51
C ILE D 231 33.34 3.39 9.32
N THR D 232 33.64 2.09 9.54
CA THR D 232 33.40 1.01 8.58
C THR D 232 32.52 -0.02 9.28
N PRO D 233 31.90 -0.93 8.54
CA PRO D 233 31.04 -1.94 9.12
C PRO D 233 31.65 -2.70 10.27
N GLY D 234 30.82 -3.04 11.25
CA GLY D 234 31.31 -3.78 12.39
C GLY D 234 30.55 -5.06 12.67
N ALA D 235 30.04 -5.18 13.91
CA ALA D 235 29.31 -6.33 14.41
C ALA D 235 28.46 -7.19 13.48
N GLY D 236 27.49 -6.62 12.83
CA GLY D 236 26.73 -7.53 11.99
C GLY D 236 26.86 -7.13 10.54
N GLY D 237 28.03 -6.68 10.20
CA GLY D 237 28.19 -6.18 8.87
C GLY D 237 27.48 -4.86 8.81
N GLU D 238 27.12 -4.31 9.97
CA GLU D 238 26.36 -3.06 9.97
C GLU D 238 27.20 -1.87 10.39
N LEU D 239 26.76 -0.68 10.03
CA LEU D 239 27.42 0.55 10.42
C LEU D 239 26.83 0.89 11.77
N GLN D 240 27.55 0.47 12.80
CA GLN D 240 27.14 0.65 14.18
C GLN D 240 27.39 2.00 14.80
N LEU D 241 26.32 2.56 15.36
CA LEU D 241 26.36 3.86 16.00
C LEU D 241 27.30 3.83 17.18
N THR D 242 27.47 2.66 17.78
CA THR D 242 28.34 2.49 18.91
C THR D 242 29.74 2.86 18.49
N ASP D 243 30.17 2.26 17.38
CA ASP D 243 31.46 2.46 16.75
C ASP D 243 31.79 3.92 16.47
N ALA D 244 30.82 4.70 15.98
CA ALA D 244 31.08 6.12 15.76
C ALA D 244 31.30 6.82 17.12
N ILE D 245 30.51 6.41 18.14
CA ILE D 245 30.58 6.94 19.50
C ILE D 245 31.96 6.65 20.09
N ASP D 246 32.42 5.42 19.91
CA ASP D 246 33.73 5.02 20.37
C ASP D 246 34.83 5.86 19.71
N LEU D 247 34.73 6.12 18.41
CA LEU D 247 35.70 6.93 17.68
C LEU D 247 35.75 8.31 18.34
N LEU D 248 34.56 8.87 18.62
CA LEU D 248 34.48 10.18 19.26
C LEU D 248 35.17 10.10 20.62
N ILE D 249 35.04 8.97 21.31
CA ILE D 249 35.64 8.80 22.61
C ILE D 249 37.15 8.81 22.46
N ASP D 250 37.63 7.94 21.56
CA ASP D 250 39.05 7.77 21.29
C ASP D 250 39.79 9.03 20.90
N GLU D 251 39.00 9.99 20.55
CA GLU D 251 39.56 11.24 20.11
C GLU D 251 39.40 12.40 21.06
N GLY D 252 39.01 12.09 22.28
CA GLY D 252 38.88 13.10 23.33
C GLY D 252 37.56 13.85 23.51
N HIS D 253 36.56 13.51 22.71
CA HIS D 253 35.26 14.13 22.83
C HIS D 253 34.70 13.62 24.16
N PRO D 254 34.19 14.48 25.06
CA PRO D 254 33.74 13.88 26.28
C PRO D 254 32.43 13.14 26.12
N VAL D 255 32.35 11.96 26.73
CA VAL D 255 31.18 11.10 26.70
C VAL D 255 30.98 10.53 28.10
N HIS D 256 29.80 10.73 28.65
CA HIS D 256 29.42 10.27 29.97
C HIS D 256 28.14 9.43 29.88
N ILE D 257 27.94 8.51 30.83
CA ILE D 257 26.73 7.71 30.92
C ILE D 257 26.03 8.06 32.21
N VAL D 258 24.68 8.18 32.15
CA VAL D 258 23.77 8.39 33.28
C VAL D 258 23.27 6.96 33.49
N ILE D 259 23.50 6.38 34.67
CA ILE D 259 23.08 5.01 35.01
C ILE D 259 21.68 4.97 35.58
N HIS D 260 20.82 4.22 34.91
CA HIS D 260 19.45 4.07 35.31
C HIS D 260 19.35 2.93 36.31
N GLN D 261 18.79 3.25 37.48
CA GLN D 261 18.62 2.26 38.51
C GLN D 261 17.19 1.72 38.53
N GLY D 262 16.28 2.47 37.90
CA GLY D 262 14.87 2.13 37.79
C GLY D 262 14.59 0.97 36.81
N LYS D 263 13.35 0.88 36.29
CA LYS D 263 12.98 -0.20 35.39
C LYS D 263 13.33 0.08 33.95
N ARG D 264 13.69 -0.98 33.24
CA ARG D 264 13.99 -0.92 31.82
C ARG D 264 13.51 -2.20 31.15
N HIS D 265 12.94 -2.11 29.93
CA HIS D 265 12.49 -3.28 29.18
C HIS D 265 13.00 -3.27 27.75
N ASP D 266 13.56 -4.38 27.33
CA ASP D 266 14.03 -4.49 25.98
C ASP D 266 12.86 -5.07 25.17
N LEU D 267 12.11 -4.29 24.42
CA LEU D 267 11.02 -4.85 23.65
C LEU D 267 11.50 -5.41 22.33
N GLY D 268 12.80 -5.30 22.04
CA GLY D 268 13.38 -5.77 20.78
C GLY D 268 13.45 -7.27 20.42
N ASN D 269 13.14 -8.13 21.38
CA ASN D 269 13.18 -9.57 21.20
C ASN D 269 12.12 -10.22 22.10
N PRO D 270 11.62 -11.41 21.80
CA PRO D 270 10.60 -12.02 22.65
C PRO D 270 10.93 -12.10 24.15
N GLY D 271 12.11 -12.54 24.54
CA GLY D 271 12.48 -12.66 25.93
C GLY D 271 12.37 -11.35 26.71
N GLY D 272 12.46 -10.27 25.97
CA GLY D 272 12.35 -8.99 26.59
C GLY D 272 10.96 -8.39 26.44
N TYR D 273 10.30 -8.64 25.32
CA TYR D 273 8.97 -8.10 25.08
C TYR D 273 7.89 -8.72 25.99
N ILE D 274 7.93 -10.04 26.08
CA ILE D 274 6.98 -10.76 26.88
C ILE D 274 6.88 -10.25 28.31
N PRO D 275 7.99 -10.13 29.06
CA PRO D 275 7.96 -9.62 30.42
C PRO D 275 7.49 -8.17 30.47
N ALA D 276 7.76 -7.40 29.41
CA ALA D 276 7.30 -6.02 29.38
C ALA D 276 5.78 -5.98 29.35
N CYS D 277 5.17 -6.89 28.60
CA CYS D 277 3.72 -7.01 28.50
C CYS D 277 3.15 -7.45 29.87
N VAL D 278 3.81 -8.44 30.50
CA VAL D 278 3.40 -8.92 31.81
C VAL D 278 3.45 -7.75 32.80
N ASP D 279 4.56 -7.02 32.83
CA ASP D 279 4.75 -5.86 33.73
C ASP D 279 3.65 -4.80 33.63
N PHE D 280 3.39 -4.31 32.44
CA PHE D 280 2.36 -3.31 32.23
C PHE D 280 1.00 -3.96 32.42
N GLY D 281 0.87 -5.26 32.05
CA GLY D 281 -0.40 -5.99 32.16
C GLY D 281 -0.94 -6.13 33.57
N LEU D 282 -0.02 -6.38 34.52
CA LEU D 282 -0.31 -6.54 35.94
C LEU D 282 -0.79 -5.24 36.54
N SER D 283 -0.31 -4.12 36.03
CA SER D 283 -0.78 -2.84 36.55
C SER D 283 -2.07 -2.45 35.83
N HIS D 284 -2.54 -3.22 34.84
CA HIS D 284 -3.74 -2.86 34.08
C HIS D 284 -5.08 -2.90 34.78
N PRO D 285 -5.84 -1.79 34.76
CA PRO D 285 -7.11 -1.77 35.46
C PRO D 285 -8.15 -2.80 35.05
N VAL D 286 -8.05 -3.23 33.82
CA VAL D 286 -8.98 -4.20 33.29
C VAL D 286 -8.38 -5.58 33.38
N TYR D 287 -7.14 -5.68 32.97
CA TYR D 287 -6.51 -6.98 32.93
C TYR D 287 -5.69 -7.49 34.10
N GLY D 288 -5.16 -6.61 34.91
CA GLY D 288 -4.28 -6.98 36.02
C GLY D 288 -4.58 -8.22 36.87
N ALA D 289 -5.75 -8.19 37.45
CA ALA D 289 -6.21 -9.23 38.34
C ALA D 289 -6.20 -10.62 37.71
N GLN D 290 -6.82 -10.71 36.56
CA GLN D 290 -6.93 -11.95 35.83
C GLN D 290 -5.58 -12.44 35.31
N LEU D 291 -4.72 -11.49 34.91
CA LEU D 291 -3.40 -11.79 34.36
C LEU D 291 -2.58 -12.43 35.44
N LYS D 292 -2.60 -11.76 36.59
CA LYS D 292 -1.89 -12.24 37.75
C LYS D 292 -2.24 -13.70 37.97
N ASP D 293 -3.54 -13.97 38.10
CA ASP D 293 -3.99 -15.34 38.31
C ASP D 293 -3.56 -16.26 37.18
N ALA D 294 -3.78 -15.85 35.95
CA ALA D 294 -3.41 -16.66 34.80
C ALA D 294 -1.96 -17.06 34.78
N ILE D 295 -1.07 -16.09 34.94
CA ILE D 295 0.37 -16.29 34.91
C ILE D 295 0.90 -17.17 36.03
N LYS D 296 0.35 -16.95 37.24
CA LYS D 296 0.73 -17.72 38.40
C LYS D 296 0.42 -19.19 38.14
N GLN D 297 -0.75 -19.46 37.55
CA GLN D 297 -1.05 -20.85 37.26
C GLN D 297 -0.16 -21.40 36.13
N ILE D 298 0.08 -20.61 35.06
CA ILE D 298 0.95 -21.04 33.96
C ILE D 298 2.32 -21.34 34.52
N LEU D 299 2.85 -20.47 35.39
CA LEU D 299 4.14 -20.75 36.00
C LEU D 299 4.10 -22.12 36.70
N ALA D 300 3.09 -22.32 37.55
CA ALA D 300 2.92 -23.55 38.30
C ALA D 300 2.88 -24.77 37.42
N GLU D 301 2.13 -24.67 36.33
CA GLU D 301 2.06 -25.77 35.40
C GLU D 301 3.42 -26.13 34.84
N HIS D 302 4.25 -25.11 34.60
CA HIS D 302 5.58 -25.29 34.06
C HIS D 302 6.47 -25.96 35.09
N GLU D 303 6.51 -25.41 36.29
CA GLU D 303 7.29 -25.97 37.37
C GLU D 303 6.98 -27.47 37.41
N ALA D 304 5.70 -27.86 37.55
CA ALA D 304 5.26 -29.25 37.55
C ALA D 304 5.75 -30.05 36.35
N ALA D 305 5.64 -29.47 35.15
CA ALA D 305 6.04 -30.15 33.91
C ALA D 305 7.51 -30.52 33.87
N GLU D 306 8.33 -29.65 34.45
CA GLU D 306 9.75 -29.84 34.49
C GLU D 306 10.14 -31.01 35.38
N ARG D 307 9.63 -31.02 36.60
CA ARG D 307 9.91 -32.11 37.51
C ARG D 307 9.34 -33.36 36.87
N ILE D 308 8.00 -33.35 36.73
CA ILE D 308 7.22 -34.43 36.13
C ILE D 308 7.57 -34.66 34.67
#